data_6FP4
#
_entry.id   6FP4
#
_cell.length_a   142.316
_cell.length_b   101.584
_cell.length_c   58.783
_cell.angle_alpha   90.00
_cell.angle_beta   112.78
_cell.angle_gamma   90.00
#
_symmetry.space_group_name_H-M   'C 1 2 1'
#
loop_
_entity.id
_entity.type
_entity.pdbx_description
1 polymer 'Thioredoxin glutathione reductase'
2 non-polymer 'FLAVIN-ADENINE DINUCLEOTIDE'
3 non-polymer 'TRIETHYLENE GLYCOL'
4 non-polymer '1,8-naphthyridine-2-carboxylic acid'
5 non-polymer 'SODIUM ION'
6 non-polymer '(2R)-2-hydroxy-3-[4-(2-hydroxyethyl)piperazin-1-yl]propane-1-sulfonic acid'
7 water water
#
_entity_poly.entity_id   1
_entity_poly.type   'polypeptide(L)'
_entity_poly.pdbx_seq_one_letter_code
;MPPADGTSQWLRKTVDSAAVILFSKTTCPYCKKVKDVLAEAKIKHATIELDQLSNGSAIQKCLASFSKIETVPQMFVRGK
FIGDSQTVLKYYSNDELAGIVNESKYDYDLIVIGGGSGGLAAGKEAAKYGAKTAVLDYVEPTPIGTTWGLGGTCVNVGCI
PKKLMHQAGLLSHALEDAEHFGWSLDRSKISHNWSTMVEGVQSHIGSLNWGYKVALRDNQVTYLNAKGRLISPHEVQITD
KNQKVSTITGNKIILATGERPKYPEIPGAVEYGITSDDLFSLPYFPGKTLVIGASYVALECAGFLASLGGDVTVMVRSIL
LRGFDQQMAEKVGDYMENHGVKFAKLCVPDEIKQLKVVDTENNKPGLLLVKGHYTDGKKFEEEFETVIFAVGREPQLSKV
LCETVGVKLDKNGRVVCTDDEQTTVSNVYAIGDINAGKPQLTPVAIQAGRYLARRLFAGATELTDYSNVATTVFTPLEYG
ACGLSEEDAIEKYGDKDIEVYHSNFKPLEWTVAHREDNVCYMKLVCRKSDNMRVLGLHVLGPNAGEITQGYAVAIKMGAT
KADFDRTIGIHPTCSETFTTLHVTKKSGVSPIVSGCUG
;
_entity_poly.pdbx_strand_id   A
#
loop_
_chem_comp.id
_chem_comp.type
_chem_comp.name
_chem_comp.formula
250 non-polymer '(2R)-2-hydroxy-3-[4-(2-hydroxyethyl)piperazin-1-yl]propane-1-sulfonic acid' 'C9 H20 N2 O5 S'
E1T non-polymer '1,8-naphthyridine-2-carboxylic acid' 'C9 H6 N2 O2'
FAD non-polymer 'FLAVIN-ADENINE DINUCLEOTIDE' 'C27 H33 N9 O15 P2'
NA non-polymer 'SODIUM ION' 'Na 1'
PGE non-polymer 'TRIETHYLENE GLYCOL' 'C6 H14 O4'
#
# COMPACT_ATOMS: atom_id res chain seq x y z
N GLY A 6 14.08 -31.24 -5.14
CA GLY A 6 12.83 -31.21 -4.40
C GLY A 6 11.65 -30.77 -5.25
N THR A 7 11.68 -31.13 -6.54
CA THR A 7 10.51 -30.92 -7.38
C THR A 7 9.31 -31.68 -6.87
N SER A 8 9.55 -32.82 -6.22
CA SER A 8 8.47 -33.59 -5.60
C SER A 8 7.61 -32.71 -4.71
N GLN A 9 8.25 -31.94 -3.82
CA GLN A 9 7.49 -31.19 -2.82
C GLN A 9 6.70 -30.05 -3.47
N TRP A 10 7.30 -29.36 -4.45
CA TRP A 10 6.56 -28.32 -5.15
C TRP A 10 5.30 -28.88 -5.78
N LEU A 11 5.37 -30.07 -6.37
CA LEU A 11 4.19 -30.66 -6.99
C LEU A 11 3.17 -31.07 -5.95
N ARG A 12 3.63 -31.57 -4.80
CA ARG A 12 2.69 -31.92 -3.74
C ARG A 12 1.91 -30.70 -3.28
N LYS A 13 2.61 -29.58 -3.04
CA LYS A 13 1.93 -28.37 -2.58
C LYS A 13 0.99 -27.83 -3.65
N THR A 14 1.45 -27.78 -4.90
CA THR A 14 0.65 -27.21 -5.99
C THR A 14 -0.65 -27.98 -6.16
N VAL A 15 -0.56 -29.29 -6.37
CA VAL A 15 -1.74 -30.11 -6.62
C VAL A 15 -2.72 -29.99 -5.45
N ASP A 16 -2.20 -29.91 -4.22
CA ASP A 16 -3.07 -29.89 -3.04
C ASP A 16 -3.93 -28.63 -3.00
N SER A 17 -3.30 -27.46 -3.13
CA SER A 17 -4.00 -26.20 -2.91
C SER A 17 -4.73 -25.68 -4.14
N ALA A 18 -4.29 -26.05 -5.34
CA ALA A 18 -4.93 -25.54 -6.55
C ALA A 18 -6.39 -25.97 -6.60
N ALA A 19 -7.25 -25.05 -7.07
CA ALA A 19 -8.68 -25.34 -7.19
C ALA A 19 -8.96 -26.15 -8.44
N VAL A 20 -8.57 -25.63 -9.60
CA VAL A 20 -8.63 -26.35 -10.87
C VAL A 20 -7.35 -26.03 -11.62
N ILE A 21 -6.53 -27.04 -11.88
CA ILE A 21 -5.26 -26.86 -12.55
C ILE A 21 -5.11 -27.92 -13.63
N LEU A 22 -4.50 -27.53 -14.74
CA LEU A 22 -4.36 -28.40 -15.91
C LEU A 22 -2.89 -28.43 -16.28
N PHE A 23 -2.31 -29.64 -16.30
CA PHE A 23 -0.94 -29.82 -16.78
C PHE A 23 -0.97 -30.14 -18.26
N SER A 24 -0.05 -29.55 -18.99
CA SER A 24 -0.15 -29.50 -20.45
C SER A 24 1.22 -29.19 -21.03
N LYS A 25 1.30 -29.26 -22.36
CA LYS A 25 2.45 -28.80 -23.11
C LYS A 25 1.98 -27.80 -24.16
N THR A 26 2.92 -26.94 -24.59
CA THR A 26 2.60 -25.88 -25.54
C THR A 26 2.01 -26.46 -26.82
N THR A 27 2.84 -27.14 -27.60
CA THR A 27 2.38 -27.85 -28.79
C THR A 27 1.94 -29.24 -28.35
N CYS A 28 0.65 -29.40 -28.11
CA CYS A 28 0.10 -30.67 -27.65
C CYS A 28 -1.29 -30.86 -28.26
N PRO A 29 -1.52 -31.92 -29.04
CA PRO A 29 -2.86 -32.09 -29.62
C PRO A 29 -3.92 -32.31 -28.56
N TYR A 30 -3.71 -33.28 -27.68
CA TYR A 30 -4.73 -33.69 -26.72
C TYR A 30 -4.97 -32.64 -25.65
N CYS A 31 -3.94 -31.90 -25.25
CA CYS A 31 -4.11 -30.87 -24.24
C CYS A 31 -5.06 -29.79 -24.73
N LYS A 32 -4.84 -29.29 -25.95
CA LYS A 32 -5.69 -28.25 -26.50
C LYS A 32 -7.13 -28.69 -26.59
N LYS A 33 -7.37 -29.99 -26.74
CA LYS A 33 -8.75 -30.49 -26.71
C LYS A 33 -9.39 -30.26 -25.35
N VAL A 34 -8.60 -30.34 -24.28
CA VAL A 34 -9.14 -30.08 -22.94
C VAL A 34 -9.35 -28.58 -22.74
N LYS A 35 -8.37 -27.78 -23.13
CA LYS A 35 -8.49 -26.33 -23.00
C LYS A 35 -9.75 -25.83 -23.69
N ASP A 36 -9.96 -26.24 -24.95
CA ASP A 36 -11.13 -25.77 -25.69
C ASP A 36 -12.42 -26.11 -24.96
N VAL A 37 -12.47 -27.28 -24.32
CA VAL A 37 -13.67 -27.67 -23.57
C VAL A 37 -13.87 -26.75 -22.37
N LEU A 38 -12.81 -26.57 -21.58
CA LEU A 38 -12.92 -25.72 -20.40
C LEU A 38 -13.31 -24.30 -20.77
N ALA A 39 -12.72 -23.77 -21.85
CA ALA A 39 -13.08 -22.44 -22.30
C ALA A 39 -14.57 -22.34 -22.61
N GLU A 40 -15.08 -23.24 -23.47
CA GLU A 40 -16.49 -23.22 -23.81
C GLU A 40 -17.37 -23.23 -22.56
N ALA A 41 -17.06 -24.13 -21.63
CA ALA A 41 -17.82 -24.21 -20.38
C ALA A 41 -17.41 -23.15 -19.37
N LYS A 42 -16.54 -22.22 -19.75
CA LYS A 42 -16.17 -21.08 -18.90
C LYS A 42 -15.68 -21.54 -17.53
N ILE A 43 -14.82 -22.56 -17.55
CA ILE A 43 -14.25 -23.14 -16.33
C ILE A 43 -12.84 -22.62 -16.19
N LYS A 44 -12.63 -21.75 -15.19
CA LYS A 44 -11.35 -21.09 -15.01
C LYS A 44 -10.39 -22.00 -14.27
N HIS A 45 -9.12 -21.92 -14.66
CA HIS A 45 -8.15 -22.93 -14.24
C HIS A 45 -6.74 -22.41 -14.46
N ALA A 46 -5.83 -22.84 -13.59
CA ALA A 46 -4.41 -22.65 -13.86
C ALA A 46 -3.95 -23.63 -14.93
N THR A 47 -2.83 -23.30 -15.56
CA THR A 47 -2.26 -24.14 -16.61
C THR A 47 -0.74 -24.09 -16.51
N ILE A 48 -0.13 -25.24 -16.24
CA ILE A 48 1.32 -25.39 -16.22
C ILE A 48 1.75 -26.02 -17.54
N GLU A 49 2.61 -25.32 -18.27
CA GLU A 49 3.19 -25.86 -19.51
C GLU A 49 4.53 -26.49 -19.15
N LEU A 50 4.54 -27.81 -19.00
CA LEU A 50 5.79 -28.53 -18.78
C LEU A 50 6.75 -28.28 -19.92
N ASP A 51 6.23 -28.15 -21.13
CA ASP A 51 6.98 -27.74 -22.31
C ASP A 51 7.92 -26.58 -22.00
N GLN A 52 7.46 -25.62 -21.19
CA GLN A 52 8.18 -24.36 -20.98
C GLN A 52 8.84 -24.29 -19.61
N LEU A 53 9.14 -25.43 -18.98
CA LEU A 53 9.75 -25.45 -17.65
C LEU A 53 11.08 -26.18 -17.70
N SER A 54 12.09 -25.57 -17.08
CA SER A 54 13.45 -26.12 -17.09
C SER A 54 13.59 -27.30 -16.16
N ASN A 55 12.45 -27.89 -15.77
CA ASN A 55 12.48 -29.18 -15.08
C ASN A 55 11.21 -29.97 -15.35
N GLY A 56 10.49 -29.68 -16.44
CA GLY A 56 9.21 -30.30 -16.68
C GLY A 56 9.27 -31.81 -16.87
N SER A 57 10.42 -32.33 -17.29
CA SER A 57 10.56 -33.77 -17.44
C SER A 57 10.45 -34.47 -16.09
N ALA A 58 11.10 -33.94 -15.06
CA ALA A 58 10.97 -34.50 -13.73
C ALA A 58 9.54 -34.40 -13.23
N ILE A 59 8.87 -33.29 -13.50
CA ILE A 59 7.50 -33.08 -13.02
C ILE A 59 6.56 -34.09 -13.69
N GLN A 60 6.64 -34.21 -15.01
CA GLN A 60 5.72 -35.09 -15.72
C GLN A 60 5.77 -36.51 -15.18
N LYS A 61 6.93 -36.95 -14.71
CA LYS A 61 7.02 -38.28 -14.10
C LYS A 61 6.51 -38.28 -12.67
N CYS A 62 7.06 -37.41 -11.81
CA CYS A 62 6.54 -37.29 -10.45
C CYS A 62 5.03 -37.14 -10.46
N LEU A 63 4.48 -36.56 -11.53
CA LEU A 63 3.03 -36.39 -11.64
C LEU A 63 2.29 -37.71 -11.44
N ALA A 64 2.86 -38.81 -11.94
CA ALA A 64 2.25 -40.11 -11.75
C ALA A 64 2.16 -40.51 -10.28
N SER A 65 2.82 -39.79 -9.38
CA SER A 65 2.57 -39.98 -7.96
C SER A 65 1.10 -39.74 -7.62
N PHE A 66 0.44 -38.86 -8.37
CA PHE A 66 -0.94 -38.46 -8.10
C PHE A 66 -1.95 -39.04 -9.08
N SER A 67 -1.62 -39.09 -10.36
CA SER A 67 -2.57 -39.54 -11.36
C SER A 67 -2.43 -41.02 -11.71
N LYS A 68 -1.32 -41.66 -11.33
CA LYS A 68 -0.94 -42.97 -11.82
C LYS A 68 -0.55 -42.92 -13.30
N ILE A 69 -0.42 -41.72 -13.86
CA ILE A 69 -0.29 -41.50 -15.30
C ILE A 69 0.89 -40.57 -15.53
N GLU A 70 1.53 -40.72 -16.68
CA GLU A 70 2.71 -39.93 -17.02
C GLU A 70 2.53 -39.02 -18.23
N THR A 71 1.35 -38.99 -18.84
CA THR A 71 1.10 -38.22 -20.05
C THR A 71 0.25 -37.00 -19.76
N VAL A 72 0.40 -35.98 -20.59
CA VAL A 72 -0.45 -34.79 -20.56
C VAL A 72 -1.56 -35.00 -21.57
N PRO A 73 -2.75 -34.42 -21.37
CA PRO A 73 -3.12 -33.50 -20.29
C PRO A 73 -3.62 -34.22 -19.05
N GLN A 74 -3.23 -33.72 -17.87
CA GLN A 74 -3.75 -34.21 -16.59
C GLN A 74 -4.43 -33.03 -15.90
N MET A 75 -5.71 -33.19 -15.57
CA MET A 75 -6.47 -32.17 -14.87
C MET A 75 -6.72 -32.58 -13.43
N PHE A 76 -6.53 -31.64 -12.51
CA PHE A 76 -6.77 -31.85 -11.09
C PHE A 76 -7.78 -30.85 -10.58
N VAL A 77 -8.58 -31.27 -9.61
CA VAL A 77 -9.52 -30.41 -8.90
C VAL A 77 -9.27 -30.60 -7.41
N ARG A 78 -8.76 -29.56 -6.76
CA ARG A 78 -8.59 -29.52 -5.31
C ARG A 78 -7.93 -30.80 -4.79
N GLY A 79 -6.66 -30.96 -5.17
CA GLY A 79 -5.85 -32.09 -4.72
C GLY A 79 -6.25 -33.43 -5.28
N LYS A 80 -7.14 -33.48 -6.26
CA LYS A 80 -7.76 -34.72 -6.71
C LYS A 80 -7.65 -34.80 -8.23
N PHE A 81 -7.02 -35.87 -8.73
CA PHE A 81 -6.93 -36.10 -10.16
C PHE A 81 -8.31 -36.32 -10.75
N ILE A 82 -8.53 -35.78 -11.96
CA ILE A 82 -9.82 -35.83 -12.62
C ILE A 82 -9.77 -36.66 -13.90
N GLY A 83 -8.67 -36.61 -14.63
CA GLY A 83 -8.48 -37.56 -15.71
C GLY A 83 -7.67 -37.00 -16.85
N ASP A 84 -7.39 -37.87 -17.80
CA ASP A 84 -6.77 -37.52 -19.07
C ASP A 84 -7.81 -36.87 -19.98
N SER A 85 -7.49 -36.72 -21.26
CA SER A 85 -8.44 -36.16 -22.22
C SER A 85 -9.77 -36.88 -22.18
N GLN A 86 -9.75 -38.20 -22.39
CA GLN A 86 -10.98 -38.95 -22.53
C GLN A 86 -11.88 -38.78 -21.31
N THR A 87 -11.29 -38.86 -20.12
CA THR A 87 -12.10 -38.79 -18.90
C THR A 87 -12.74 -37.42 -18.73
N VAL A 88 -12.08 -36.36 -19.19
CA VAL A 88 -12.64 -35.02 -19.11
C VAL A 88 -13.71 -34.83 -20.17
N LEU A 89 -13.37 -35.06 -21.43
CA LEU A 89 -14.35 -34.98 -22.50
C LEU A 89 -15.60 -35.78 -22.16
N LYS A 90 -15.43 -36.91 -21.45
CA LYS A 90 -16.57 -37.70 -21.00
C LYS A 90 -17.43 -36.93 -20.01
N TYR A 91 -16.85 -36.57 -18.86
CA TYR A 91 -17.56 -35.76 -17.87
C TYR A 91 -18.34 -34.64 -18.53
N TYR A 92 -17.70 -33.92 -19.46
CA TYR A 92 -18.37 -32.82 -20.15
C TYR A 92 -19.56 -33.33 -20.96
N SER A 93 -19.29 -34.25 -21.90
CA SER A 93 -20.37 -34.77 -22.73
C SER A 93 -21.50 -35.33 -21.90
N ASN A 94 -21.18 -35.98 -20.78
CA ASN A 94 -22.18 -36.44 -19.83
C ASN A 94 -22.71 -35.32 -18.95
N ASP A 95 -22.24 -34.08 -19.16
CA ASP A 95 -22.76 -32.90 -18.45
C ASP A 95 -22.52 -32.99 -16.94
N GLU A 96 -21.48 -33.71 -16.54
CA GLU A 96 -21.09 -33.80 -15.13
C GLU A 96 -19.82 -33.03 -14.83
N LEU A 97 -19.25 -32.33 -15.81
CA LEU A 97 -17.99 -31.64 -15.57
C LEU A 97 -18.18 -30.42 -14.67
N ALA A 98 -19.32 -29.73 -14.77
CA ALA A 98 -19.58 -28.61 -13.88
C ALA A 98 -19.59 -29.06 -12.42
N GLY A 99 -20.25 -30.17 -12.12
CA GLY A 99 -20.30 -30.66 -10.76
C GLY A 99 -18.96 -31.18 -10.27
N ILE A 100 -18.13 -31.71 -11.17
CA ILE A 100 -16.83 -32.24 -10.77
C ILE A 100 -15.92 -31.11 -10.28
N VAL A 101 -15.85 -30.02 -11.04
CA VAL A 101 -15.00 -28.90 -10.68
C VAL A 101 -15.54 -28.08 -9.51
N ASN A 102 -16.82 -28.25 -9.17
CA ASN A 102 -17.42 -27.52 -8.06
C ASN A 102 -17.42 -28.31 -6.76
N GLU A 103 -17.01 -29.57 -6.77
CA GLU A 103 -16.89 -30.32 -5.53
C GLU A 103 -15.86 -29.68 -4.62
N SER A 104 -16.15 -29.65 -3.33
CA SER A 104 -15.26 -29.01 -2.38
C SER A 104 -15.74 -29.29 -0.97
N LYS A 105 -14.80 -29.58 -0.07
CA LYS A 105 -15.15 -29.70 1.34
C LYS A 105 -15.70 -28.40 1.89
N TYR A 106 -15.14 -27.28 1.43
CA TYR A 106 -15.47 -25.96 1.94
C TYR A 106 -16.34 -25.19 0.94
N ASP A 107 -17.00 -24.16 1.46
CA ASP A 107 -17.77 -23.26 0.61
C ASP A 107 -16.90 -22.57 -0.41
N TYR A 108 -15.64 -22.29 -0.04
CA TYR A 108 -14.76 -21.50 -0.87
C TYR A 108 -13.36 -22.09 -0.86
N ASP A 109 -12.66 -21.95 -1.99
CA ASP A 109 -11.24 -22.23 -2.01
C ASP A 109 -10.47 -21.15 -1.29
N LEU A 110 -10.97 -19.92 -1.31
CA LEU A 110 -10.30 -18.79 -0.68
C LEU A 110 -11.34 -17.89 -0.03
N ILE A 111 -11.09 -17.53 1.22
CA ILE A 111 -11.81 -16.45 1.89
C ILE A 111 -10.79 -15.36 2.21
N VAL A 112 -11.00 -14.18 1.66
CA VAL A 112 -10.17 -13.02 1.95
C VAL A 112 -10.91 -12.18 2.97
N ILE A 113 -10.34 -12.04 4.16
CA ILE A 113 -10.89 -11.16 5.18
C ILE A 113 -10.18 -9.83 5.03
N GLY A 114 -10.89 -8.84 4.51
CA GLY A 114 -10.32 -7.54 4.23
C GLY A 114 -10.40 -7.19 2.77
N GLY A 115 -11.19 -6.16 2.45
CA GLY A 115 -11.41 -5.76 1.07
C GLY A 115 -10.63 -4.52 0.68
N GLY A 116 -9.32 -4.55 0.94
CA GLY A 116 -8.49 -3.41 0.60
C GLY A 116 -7.48 -3.73 -0.49
N SER A 117 -6.35 -3.04 -0.47
CA SER A 117 -5.38 -3.18 -1.54
C SER A 117 -4.97 -4.63 -1.73
N GLY A 118 -4.47 -5.25 -0.66
CA GLY A 118 -4.05 -6.64 -0.76
C GLY A 118 -5.21 -7.60 -0.96
N GLY A 119 -6.25 -7.46 -0.14
CA GLY A 119 -7.34 -8.42 -0.17
C GLY A 119 -7.99 -8.50 -1.53
N LEU A 120 -8.30 -7.33 -2.11
CA LEU A 120 -8.90 -7.32 -3.44
C LEU A 120 -7.95 -7.88 -4.48
N ALA A 121 -6.67 -7.52 -4.40
CA ALA A 121 -5.69 -8.00 -5.37
C ALA A 121 -5.57 -9.51 -5.32
N ALA A 122 -5.37 -10.05 -4.11
CA ALA A 122 -5.28 -11.49 -3.94
C ALA A 122 -6.55 -12.18 -4.41
N GLY A 123 -7.71 -11.65 -4.02
CA GLY A 123 -8.97 -12.30 -4.35
C GLY A 123 -9.25 -12.30 -5.83
N LYS A 124 -8.97 -11.19 -6.50
CA LYS A 124 -9.16 -11.11 -7.94
C LYS A 124 -8.22 -12.05 -8.68
N GLU A 125 -6.94 -12.09 -8.28
CA GLU A 125 -6.00 -12.99 -8.93
C GLU A 125 -6.37 -14.45 -8.70
N ALA A 126 -6.89 -14.77 -7.51
CA ALA A 126 -7.20 -16.16 -7.20
C ALA A 126 -8.31 -16.69 -8.11
N ALA A 127 -9.41 -15.94 -8.23
CA ALA A 127 -10.51 -16.37 -9.11
C ALA A 127 -10.03 -16.54 -10.55
N LYS A 128 -8.98 -15.83 -10.95
CA LYS A 128 -8.43 -15.98 -12.28
C LYS A 128 -8.04 -17.43 -12.57
N TYR A 129 -7.66 -18.19 -11.53
CA TYR A 129 -7.18 -19.55 -11.67
C TYR A 129 -8.13 -20.58 -11.05
N GLY A 130 -9.42 -20.28 -11.02
CA GLY A 130 -10.44 -21.24 -10.62
C GLY A 130 -10.84 -21.21 -9.16
N ALA A 131 -10.13 -20.44 -8.32
CA ALA A 131 -10.46 -20.38 -6.92
C ALA A 131 -11.88 -19.84 -6.72
N LYS A 132 -12.73 -20.67 -6.12
CA LYS A 132 -14.04 -20.23 -5.64
C LYS A 132 -13.82 -19.33 -4.43
N THR A 133 -13.99 -18.02 -4.63
CA THR A 133 -13.41 -17.02 -3.74
C THR A 133 -14.49 -16.12 -3.14
N ALA A 134 -14.29 -15.73 -1.89
CA ALA A 134 -15.15 -14.78 -1.20
C ALA A 134 -14.28 -13.68 -0.61
N VAL A 135 -14.67 -12.42 -0.85
CA VAL A 135 -14.00 -11.27 -0.28
C VAL A 135 -14.93 -10.64 0.74
N LEU A 136 -14.42 -10.44 1.95
CA LEU A 136 -15.18 -9.87 3.05
C LEU A 136 -14.61 -8.48 3.34
N ASP A 137 -15.49 -7.49 3.46
CA ASP A 137 -15.05 -6.15 3.82
C ASP A 137 -16.10 -5.48 4.69
N TYR A 138 -15.63 -4.86 5.77
CA TYR A 138 -16.47 -4.08 6.66
C TYR A 138 -15.62 -2.93 7.16
N VAL A 139 -16.19 -1.74 7.14
CA VAL A 139 -15.49 -0.54 7.57
C VAL A 139 -16.11 -0.14 8.90
N GLU A 140 -15.44 -0.48 9.99
CA GLU A 140 -15.91 -0.04 11.28
C GLU A 140 -15.90 1.48 11.30
N PRO A 141 -17.00 2.15 11.66
CA PRO A 141 -17.01 3.60 11.66
C PRO A 141 -15.96 4.18 12.61
N THR A 142 -15.55 5.40 12.32
CA THR A 142 -14.70 6.15 13.22
C THR A 142 -15.54 6.61 14.40
N PRO A 143 -14.91 7.15 15.44
CA PRO A 143 -15.69 7.64 16.59
C PRO A 143 -16.80 8.60 16.22
N ILE A 144 -16.65 9.39 15.16
CA ILE A 144 -17.69 10.35 14.79
C ILE A 144 -18.64 9.82 13.72
N GLY A 145 -18.47 8.57 13.29
CA GLY A 145 -19.40 7.95 12.36
C GLY A 145 -18.92 7.83 10.93
N THR A 146 -17.71 8.29 10.61
CA THR A 146 -17.25 8.23 9.23
C THR A 146 -17.15 6.78 8.78
N THR A 147 -17.67 6.51 7.58
CA THR A 147 -17.55 5.19 6.98
C THR A 147 -17.41 5.37 5.47
N TRP A 148 -17.16 4.27 4.78
CA TRP A 148 -16.93 4.33 3.33
C TRP A 148 -17.09 2.94 2.73
N GLY A 149 -16.99 2.89 1.40
CA GLY A 149 -17.26 1.69 0.65
C GLY A 149 -16.02 0.85 0.39
N LEU A 150 -16.17 -0.08 -0.55
CA LEU A 150 -15.14 -1.08 -0.83
C LEU A 150 -13.88 -0.42 -1.37
N GLY A 151 -12.72 -1.00 -1.03
CA GLY A 151 -11.47 -0.58 -1.63
C GLY A 151 -10.27 -0.51 -0.70
N GLY A 152 -10.50 -0.31 0.58
CA GLY A 152 -9.43 -0.30 1.56
C GLY A 152 -9.01 1.10 1.95
N THR A 153 -7.91 1.15 2.72
CA THR A 153 -7.43 2.43 3.24
C THR A 153 -7.00 3.35 2.10
N CYS A 154 -6.19 2.84 1.18
CA CYS A 154 -5.65 3.65 0.10
C CYS A 154 -6.76 4.33 -0.70
N VAL A 155 -7.66 3.52 -1.24
CA VAL A 155 -8.76 4.02 -2.08
C VAL A 155 -9.54 5.12 -1.37
N ASN A 156 -9.91 4.88 -0.11
CA ASN A 156 -10.96 5.64 0.55
C ASN A 156 -10.44 6.74 1.47
N VAL A 157 -9.35 6.51 2.19
CA VAL A 157 -8.90 7.46 3.19
C VAL A 157 -7.38 7.46 3.19
N GLY A 158 -6.78 7.23 2.02
CA GLY A 158 -5.34 7.09 1.94
C GLY A 158 -4.74 7.67 0.68
N CYS A 159 -3.95 6.86 -0.04
CA CYS A 159 -3.17 7.34 -1.18
C CYS A 159 -4.02 8.20 -2.12
N ILE A 160 -5.20 7.71 -2.46
CA ILE A 160 -6.00 8.32 -3.53
C ILE A 160 -6.47 9.70 -3.08
N PRO A 161 -7.31 9.83 -2.05
CA PRO A 161 -7.71 11.18 -1.62
C PRO A 161 -6.54 12.02 -1.17
N LYS A 162 -5.56 11.40 -0.54
CA LYS A 162 -4.37 12.12 -0.08
C LYS A 162 -3.67 12.79 -1.25
N LYS A 163 -3.45 12.06 -2.35
CA LYS A 163 -2.73 12.64 -3.48
C LYS A 163 -3.58 13.67 -4.20
N LEU A 164 -4.89 13.43 -4.29
CA LEU A 164 -5.77 14.39 -4.93
C LEU A 164 -5.76 15.71 -4.19
N MET A 165 -5.77 15.65 -2.86
CA MET A 165 -5.68 16.88 -2.08
C MET A 165 -4.29 17.45 -2.09
N HIS A 166 -3.28 16.59 -2.18
CA HIS A 166 -1.92 17.06 -2.47
C HIS A 166 -1.92 17.84 -3.77
N GLN A 167 -2.57 17.30 -4.79
CA GLN A 167 -2.57 17.93 -6.11
C GLN A 167 -3.30 19.26 -6.06
N ALA A 168 -4.46 19.29 -5.41
CA ALA A 168 -5.17 20.56 -5.21
C ALA A 168 -4.26 21.57 -4.51
N GLY A 169 -3.47 21.10 -3.54
CA GLY A 169 -2.51 21.99 -2.92
C GLY A 169 -1.49 22.53 -3.89
N LEU A 170 -0.87 21.64 -4.67
CA LEU A 170 0.17 22.05 -5.61
C LEU A 170 -0.34 23.11 -6.57
N LEU A 171 -1.61 22.99 -6.99
CA LEU A 171 -2.16 23.97 -7.91
C LEU A 171 -2.08 25.38 -7.33
N SER A 172 -2.06 25.50 -6.00
CA SER A 172 -1.80 26.79 -5.38
C SER A 172 -0.54 27.41 -5.97
N HIS A 173 0.53 26.63 -6.05
CA HIS A 173 1.78 27.14 -6.60
C HIS A 173 1.69 27.29 -8.12
N ALA A 174 0.92 26.43 -8.77
CA ALA A 174 0.69 26.59 -10.21
C ALA A 174 -0.03 27.90 -10.52
N LEU A 175 -0.97 28.29 -9.67
CA LEU A 175 -1.67 29.56 -9.90
C LEU A 175 -0.73 30.75 -9.68
N GLU A 176 0.15 30.66 -8.69
CA GLU A 176 1.16 31.70 -8.51
C GLU A 176 2.10 31.77 -9.71
N ASP A 177 2.48 30.61 -10.25
CA ASP A 177 3.49 30.57 -11.31
C ASP A 177 2.94 31.06 -12.64
N ALA A 178 1.68 30.72 -12.94
CA ALA A 178 1.07 31.12 -14.20
C ALA A 178 1.26 32.60 -14.49
N GLU A 179 1.31 33.44 -13.44
CA GLU A 179 1.54 34.86 -13.67
C GLU A 179 2.90 35.11 -14.29
N HIS A 180 3.96 34.56 -13.67
CA HIS A 180 5.31 34.75 -14.20
C HIS A 180 5.44 34.20 -15.61
N PHE A 181 4.68 33.16 -15.95
CA PHE A 181 4.69 32.58 -17.28
C PHE A 181 3.71 33.26 -18.23
N GLY A 182 3.11 34.38 -17.83
CA GLY A 182 2.37 35.23 -18.73
C GLY A 182 0.85 35.14 -18.64
N TRP A 183 0.30 34.36 -17.71
CA TRP A 183 -1.14 34.23 -17.61
C TRP A 183 -1.70 35.34 -16.72
N SER A 184 -2.86 35.86 -17.11
CA SER A 184 -3.43 37.08 -16.53
C SER A 184 -4.41 36.72 -15.41
N LEU A 185 -3.85 36.27 -14.29
CA LEU A 185 -4.64 35.98 -13.11
C LEU A 185 -3.89 36.52 -11.90
N ASP A 186 -4.65 37.08 -10.96
CA ASP A 186 -4.08 37.57 -9.72
C ASP A 186 -4.27 36.49 -8.66
N ARG A 187 -3.17 35.85 -8.28
CA ARG A 187 -3.25 34.81 -7.24
C ARG A 187 -3.95 35.33 -6.00
N SER A 188 -3.74 36.60 -5.66
CA SER A 188 -4.31 37.18 -4.45
C SER A 188 -5.82 37.06 -4.41
N LYS A 189 -6.48 37.10 -5.57
CA LYS A 189 -7.94 37.17 -5.65
C LYS A 189 -8.60 35.82 -5.89
N ILE A 190 -7.89 34.73 -5.65
CA ILE A 190 -8.41 33.39 -5.86
C ILE A 190 -8.45 32.68 -4.52
N SER A 191 -9.61 32.10 -4.20
CA SER A 191 -9.80 31.32 -3.00
C SER A 191 -10.01 29.87 -3.37
N HIS A 192 -10.02 29.02 -2.35
CA HIS A 192 -10.26 27.60 -2.53
C HIS A 192 -11.47 27.19 -1.71
N ASN A 193 -12.39 26.46 -2.33
CA ASN A 193 -13.54 25.91 -1.64
C ASN A 193 -13.27 24.45 -1.30
N TRP A 194 -13.19 24.16 0.00
CA TRP A 194 -12.92 22.79 0.45
C TRP A 194 -14.02 21.85 -0.01
N SER A 195 -15.28 22.23 0.16
CA SER A 195 -16.39 21.34 -0.15
C SER A 195 -16.38 20.90 -1.61
N THR A 196 -16.07 21.83 -2.54
CA THR A 196 -16.04 21.44 -3.95
C THR A 196 -14.97 20.40 -4.19
N MET A 197 -13.80 20.57 -3.58
CA MET A 197 -12.74 19.59 -3.72
C MET A 197 -13.18 18.24 -3.17
N VAL A 198 -13.67 18.22 -1.93
CA VAL A 198 -14.09 16.96 -1.32
C VAL A 198 -15.12 16.26 -2.21
N GLU A 199 -16.09 17.01 -2.72
CA GLU A 199 -17.14 16.40 -3.54
C GLU A 199 -16.54 15.71 -4.76
N GLY A 200 -15.49 16.29 -5.34
CA GLY A 200 -14.85 15.66 -6.50
C GLY A 200 -14.02 14.45 -6.11
N VAL A 201 -13.22 14.59 -5.05
CA VAL A 201 -12.49 13.46 -4.49
C VAL A 201 -13.45 12.32 -4.17
N GLN A 202 -14.53 12.64 -3.45
CA GLN A 202 -15.46 11.59 -3.07
C GLN A 202 -16.19 11.00 -4.27
N SER A 203 -16.44 11.80 -5.29
CA SER A 203 -17.06 11.24 -6.49
C SER A 203 -16.14 10.21 -7.11
N HIS A 204 -14.84 10.49 -7.11
CA HIS A 204 -13.89 9.54 -7.69
C HIS A 204 -13.76 8.30 -6.82
N ILE A 205 -13.65 8.49 -5.50
CA ILE A 205 -13.64 7.35 -4.60
C ILE A 205 -14.92 6.53 -4.79
N GLY A 206 -16.05 7.20 -4.94
CA GLY A 206 -17.30 6.50 -5.18
C GLY A 206 -17.25 5.63 -6.41
N SER A 207 -16.62 6.14 -7.48
CA SER A 207 -16.48 5.33 -8.69
C SER A 207 -15.51 4.17 -8.47
N LEU A 208 -14.50 4.35 -7.61
CA LEU A 208 -13.62 3.23 -7.27
C LEU A 208 -14.37 2.20 -6.43
N ASN A 209 -15.10 2.65 -5.40
CA ASN A 209 -15.95 1.72 -4.65
C ASN A 209 -16.79 0.89 -5.63
N TRP A 210 -17.41 1.56 -6.59
CA TRP A 210 -18.24 0.88 -7.57
C TRP A 210 -17.41 -0.04 -8.46
N GLY A 211 -16.25 0.43 -8.90
CA GLY A 211 -15.46 -0.33 -9.85
C GLY A 211 -15.00 -1.66 -9.28
N TYR A 212 -14.64 -1.66 -7.99
CA TYR A 212 -14.21 -2.90 -7.36
C TYR A 212 -15.35 -3.89 -7.20
N LYS A 213 -16.53 -3.41 -6.79
CA LYS A 213 -17.69 -4.28 -6.72
C LYS A 213 -17.95 -4.95 -8.07
N VAL A 214 -17.86 -4.17 -9.15
CA VAL A 214 -18.07 -4.72 -10.49
C VAL A 214 -16.96 -5.71 -10.83
N ALA A 215 -15.71 -5.35 -10.53
CA ALA A 215 -14.59 -6.26 -10.81
C ALA A 215 -14.80 -7.59 -10.10
N LEU A 216 -15.29 -7.57 -8.87
CA LEU A 216 -15.51 -8.82 -8.15
C LEU A 216 -16.68 -9.59 -8.74
N ARG A 217 -17.76 -8.91 -9.09
CA ARG A 217 -18.88 -9.58 -9.74
C ARG A 217 -18.44 -10.23 -11.06
N ASP A 218 -17.70 -9.48 -11.88
CA ASP A 218 -17.31 -9.98 -13.19
C ASP A 218 -16.34 -11.15 -13.13
N ASN A 219 -15.67 -11.34 -11.99
CA ASN A 219 -14.75 -12.47 -11.81
C ASN A 219 -15.32 -13.52 -10.88
N GLN A 220 -16.65 -13.64 -10.84
CA GLN A 220 -17.35 -14.65 -10.03
C GLN A 220 -16.80 -14.71 -8.61
N VAL A 221 -16.36 -13.58 -8.08
CA VAL A 221 -15.96 -13.47 -6.69
C VAL A 221 -17.15 -13.03 -5.86
N THR A 222 -17.39 -13.72 -4.75
CA THR A 222 -18.48 -13.36 -3.86
C THR A 222 -18.02 -12.23 -2.93
N TYR A 223 -18.68 -11.09 -3.02
CA TYR A 223 -18.40 -9.96 -2.14
C TYR A 223 -19.44 -9.91 -1.04
N LEU A 224 -18.98 -10.00 0.21
CA LEU A 224 -19.84 -9.89 1.37
C LEU A 224 -19.41 -8.67 2.17
N ASN A 225 -20.35 -7.75 2.38
CA ASN A 225 -20.11 -6.57 3.23
C ASN A 225 -20.44 -7.00 4.67
N ALA A 226 -19.45 -7.64 5.30
CA ALA A 226 -19.65 -8.28 6.58
C ALA A 226 -18.33 -8.38 7.32
N LYS A 227 -18.40 -8.27 8.64
CA LYS A 227 -17.21 -8.41 9.48
C LYS A 227 -16.87 -9.89 9.59
N GLY A 228 -15.68 -10.26 9.11
CA GLY A 228 -15.23 -11.63 9.19
C GLY A 228 -14.47 -11.88 10.47
N ARG A 229 -14.64 -13.08 11.02
CA ARG A 229 -13.95 -13.52 12.22
C ARG A 229 -13.47 -14.95 11.98
N LEU A 230 -12.17 -15.17 12.09
CA LEU A 230 -11.61 -16.51 11.94
C LEU A 230 -11.71 -17.24 13.27
N ILE A 231 -12.57 -18.25 13.34
CA ILE A 231 -12.86 -18.96 14.59
C ILE A 231 -12.16 -20.31 14.61
N SER A 232 -11.94 -20.89 13.44
CA SER A 232 -11.12 -22.07 13.28
C SER A 232 -10.38 -21.94 11.95
N PRO A 233 -9.32 -22.72 11.75
CA PRO A 233 -8.49 -22.54 10.54
C PRO A 233 -9.26 -22.42 9.26
N HIS A 234 -10.37 -23.15 9.13
CA HIS A 234 -11.14 -23.23 7.89
C HIS A 234 -12.53 -22.63 8.04
N GLU A 235 -12.85 -22.03 9.18
CA GLU A 235 -14.17 -21.46 9.41
C GLU A 235 -14.04 -19.98 9.70
N VAL A 236 -14.84 -19.19 8.97
CA VAL A 236 -14.90 -17.74 9.13
C VAL A 236 -16.32 -17.37 9.51
N GLN A 237 -16.47 -16.66 10.62
CA GLN A 237 -17.76 -16.19 11.09
C GLN A 237 -17.99 -14.77 10.60
N ILE A 238 -19.13 -14.53 9.97
CA ILE A 238 -19.45 -13.25 9.36
C ILE A 238 -20.67 -12.65 10.03
N THR A 239 -20.56 -11.39 10.43
CA THR A 239 -21.70 -10.60 10.91
C THR A 239 -22.04 -9.56 9.86
N ASP A 240 -23.25 -9.65 9.30
CA ASP A 240 -23.66 -8.77 8.21
C ASP A 240 -24.22 -7.46 8.77
N LYS A 241 -24.81 -6.64 7.90
CA LYS A 241 -25.32 -5.35 8.34
C LYS A 241 -26.48 -5.51 9.33
N ASN A 242 -27.30 -6.55 9.16
CA ASN A 242 -28.44 -6.78 10.04
C ASN A 242 -28.07 -7.52 11.30
N GLN A 243 -26.80 -7.53 11.68
CA GLN A 243 -26.31 -8.25 12.85
C GLN A 243 -26.49 -9.76 12.74
N LYS A 244 -26.81 -10.27 11.55
CA LYS A 244 -27.03 -11.70 11.37
C LYS A 244 -25.68 -12.42 11.30
N VAL A 245 -25.47 -13.36 12.20
CA VAL A 245 -24.23 -14.11 12.29
C VAL A 245 -24.42 -15.44 11.56
N SER A 246 -23.53 -15.72 10.62
CA SER A 246 -23.45 -17.02 9.98
C SER A 246 -21.99 -17.40 9.85
N THR A 247 -21.73 -18.58 9.29
CA THR A 247 -20.39 -19.13 9.21
C THR A 247 -20.15 -19.68 7.81
N ILE A 248 -18.97 -19.41 7.27
CA ILE A 248 -18.56 -19.92 5.97
C ILE A 248 -17.21 -20.60 6.12
N THR A 249 -16.95 -21.55 5.23
CA THR A 249 -15.75 -22.36 5.29
C THR A 249 -14.89 -22.10 4.06
N GLY A 250 -13.58 -22.11 4.25
CA GLY A 250 -12.66 -21.94 3.15
C GLY A 250 -11.45 -22.80 3.33
N ASN A 251 -10.90 -23.27 2.20
CA ASN A 251 -9.64 -24.01 2.23
C ASN A 251 -8.54 -23.05 2.67
N LYS A 252 -8.23 -22.07 1.84
CA LYS A 252 -7.21 -21.08 2.17
C LYS A 252 -7.87 -19.81 2.69
N ILE A 253 -7.23 -19.19 3.67
CA ILE A 253 -7.68 -17.94 4.26
C ILE A 253 -6.57 -16.93 4.10
N ILE A 254 -6.91 -15.74 3.60
CA ILE A 254 -5.98 -14.63 3.55
C ILE A 254 -6.51 -13.56 4.50
N LEU A 255 -5.71 -13.25 5.51
CA LEU A 255 -6.00 -12.10 6.36
C LEU A 255 -5.42 -10.86 5.70
N ALA A 256 -6.27 -9.86 5.48
CA ALA A 256 -5.82 -8.61 4.88
C ALA A 256 -6.65 -7.46 5.44
N THR A 257 -6.73 -7.38 6.77
CA THR A 257 -7.63 -6.46 7.44
C THR A 257 -7.01 -5.08 7.69
N GLY A 258 -5.77 -4.87 7.30
CA GLY A 258 -5.17 -3.56 7.39
C GLY A 258 -5.12 -3.04 8.81
N GLU A 259 -5.04 -1.72 8.93
CA GLU A 259 -4.92 -1.03 10.20
C GLU A 259 -5.90 0.14 10.25
N ARG A 260 -5.88 0.86 11.37
CA ARG A 260 -6.66 2.06 11.54
C ARG A 260 -5.84 3.05 12.35
N PRO A 261 -6.21 4.33 12.33
CA PRO A 261 -5.41 5.33 13.05
C PRO A 261 -5.42 5.09 14.55
N LYS A 262 -4.31 5.44 15.18
CA LYS A 262 -4.22 5.49 16.64
C LYS A 262 -4.71 6.84 17.15
N TYR A 263 -5.31 6.82 18.34
CA TYR A 263 -5.55 8.03 19.09
C TYR A 263 -4.68 8.03 20.34
N PRO A 264 -4.01 9.14 20.67
CA PRO A 264 -3.34 9.20 21.97
C PRO A 264 -4.36 9.15 23.09
N GLU A 265 -4.01 8.42 24.15
CA GLU A 265 -4.91 8.29 25.30
C GLU A 265 -4.85 9.58 26.10
N ILE A 266 -5.63 10.56 25.64
CA ILE A 266 -5.75 11.84 26.36
C ILE A 266 -7.18 12.33 26.26
N PRO A 267 -7.63 13.14 27.21
CA PRO A 267 -9.04 13.55 27.24
C PRO A 267 -9.39 14.41 26.05
N GLY A 268 -10.54 14.12 25.45
CA GLY A 268 -11.06 14.91 24.35
C GLY A 268 -10.58 14.47 22.98
N ALA A 269 -9.57 13.59 22.91
CA ALA A 269 -9.02 13.21 21.62
C ALA A 269 -10.05 12.47 20.79
N VAL A 270 -10.59 11.37 21.33
CA VAL A 270 -11.59 10.60 20.60
C VAL A 270 -12.85 11.43 20.38
N GLU A 271 -13.19 12.25 21.37
CA GLU A 271 -14.47 12.96 21.33
C GLU A 271 -14.42 14.13 20.36
N TYR A 272 -13.32 14.88 20.36
CA TYR A 272 -13.27 16.18 19.71
C TYR A 272 -12.30 16.28 18.53
N GLY A 273 -11.31 15.39 18.44
CA GLY A 273 -10.39 15.39 17.34
C GLY A 273 -10.80 14.39 16.26
N ILE A 274 -10.07 14.43 15.15
CA ILE A 274 -10.32 13.54 14.02
C ILE A 274 -8.98 12.94 13.59
N THR A 275 -9.05 12.07 12.58
CA THR A 275 -7.88 11.44 11.99
C THR A 275 -7.98 11.49 10.47
N SER A 276 -6.99 10.90 9.81
CA SER A 276 -7.03 10.75 8.36
C SER A 276 -8.34 10.12 7.89
N ASP A 277 -8.89 9.19 8.67
CA ASP A 277 -10.10 8.49 8.27
C ASP A 277 -11.27 9.43 8.06
N ASP A 278 -11.28 10.55 8.77
CA ASP A 278 -12.35 11.52 8.69
C ASP A 278 -12.01 12.70 7.78
N LEU A 279 -10.72 13.00 7.63
CA LEU A 279 -10.31 14.22 6.96
C LEU A 279 -10.77 14.25 5.52
N PHE A 280 -10.62 13.13 4.81
CA PHE A 280 -10.79 13.10 3.36
C PHE A 280 -12.23 13.16 2.91
N SER A 281 -13.20 13.04 3.81
CA SER A 281 -14.60 13.29 3.46
C SER A 281 -15.18 14.38 4.34
N LEU A 282 -14.35 15.14 5.03
CA LEU A 282 -14.84 16.11 6.01
C LEU A 282 -15.77 17.10 5.32
N PRO A 283 -17.00 17.29 5.81
CA PRO A 283 -17.94 18.19 5.11
C PRO A 283 -17.60 19.67 5.25
N TYR A 284 -16.63 20.03 6.08
CA TYR A 284 -16.29 21.42 6.33
C TYR A 284 -14.78 21.56 6.24
N PHE A 285 -14.31 22.75 5.91
CA PHE A 285 -12.88 22.98 5.87
C PHE A 285 -12.34 22.94 7.30
N PRO A 286 -11.28 22.18 7.57
CA PRO A 286 -10.76 22.13 8.94
C PRO A 286 -10.50 23.48 9.58
N GLY A 287 -10.12 24.49 8.80
CA GLY A 287 -9.81 25.77 9.40
C GLY A 287 -8.48 25.76 10.11
N LYS A 288 -8.36 26.58 11.16
CA LYS A 288 -7.13 26.58 11.94
C LYS A 288 -6.94 25.19 12.50
N THR A 289 -5.89 24.50 12.05
CA THR A 289 -5.75 23.07 12.28
C THR A 289 -4.46 22.76 13.01
N LEU A 290 -4.56 21.88 14.00
CA LEU A 290 -3.40 21.32 14.66
C LEU A 290 -3.31 19.86 14.24
N VAL A 291 -2.21 19.50 13.60
CA VAL A 291 -1.89 18.11 13.30
C VAL A 291 -0.94 17.62 14.38
N ILE A 292 -1.32 16.55 15.06
CA ILE A 292 -0.52 15.96 16.11
C ILE A 292 0.13 14.72 15.52
N GLY A 293 1.44 14.75 15.39
CA GLY A 293 2.18 13.70 14.74
C GLY A 293 3.21 14.28 13.80
N ALA A 294 4.15 13.43 13.39
CA ALA A 294 5.30 13.90 12.65
C ALA A 294 5.80 12.92 11.60
N SER A 295 5.06 11.86 11.28
CA SER A 295 5.46 11.01 10.19
C SER A 295 4.68 11.42 8.95
N TYR A 296 4.56 10.52 7.98
CA TYR A 296 4.25 10.97 6.63
C TYR A 296 2.79 11.38 6.48
N VAL A 297 1.88 10.81 7.27
CA VAL A 297 0.49 11.26 7.18
C VAL A 297 0.36 12.67 7.75
N ALA A 298 1.00 12.90 8.90
CA ALA A 298 0.92 14.21 9.54
C ALA A 298 1.40 15.30 8.61
N LEU A 299 2.54 15.09 7.94
CA LEU A 299 3.14 16.14 7.14
C LEU A 299 2.46 16.29 5.80
N GLU A 300 2.00 15.18 5.21
CA GLU A 300 1.23 15.28 3.98
C GLU A 300 -0.06 16.06 4.21
N CYS A 301 -0.79 15.72 5.26
CA CYS A 301 -2.05 16.39 5.53
C CYS A 301 -1.83 17.85 5.90
N ALA A 302 -0.85 18.14 6.74
CA ALA A 302 -0.54 19.52 7.08
C ALA A 302 -0.13 20.28 5.83
N GLY A 303 0.56 19.60 4.91
CA GLY A 303 1.06 20.26 3.73
C GLY A 303 -0.05 20.79 2.83
N PHE A 304 -1.01 19.93 2.49
CA PHE A 304 -2.04 20.42 1.58
C PHE A 304 -3.07 21.29 2.30
N LEU A 305 -3.36 21.03 3.58
CA LEU A 305 -4.21 21.97 4.31
C LEU A 305 -3.60 23.36 4.31
N ALA A 306 -2.28 23.46 4.48
CA ALA A 306 -1.64 24.77 4.44
C ALA A 306 -1.72 25.37 3.05
N SER A 307 -1.43 24.58 2.01
CA SER A 307 -1.49 25.06 0.64
C SER A 307 -2.90 25.42 0.21
N LEU A 308 -3.92 24.85 0.84
CA LEU A 308 -5.30 25.20 0.56
C LEU A 308 -5.79 26.37 1.39
N GLY A 309 -4.86 27.16 1.94
CA GLY A 309 -5.22 28.35 2.68
C GLY A 309 -5.50 28.15 4.15
N GLY A 310 -5.08 27.02 4.71
CA GLY A 310 -5.32 26.74 6.11
C GLY A 310 -4.18 27.24 6.99
N ASP A 311 -4.55 27.73 8.17
CA ASP A 311 -3.59 28.01 9.23
C ASP A 311 -3.29 26.67 9.89
N VAL A 312 -2.07 26.17 9.71
CA VAL A 312 -1.73 24.79 10.03
C VAL A 312 -0.56 24.78 10.99
N THR A 313 -0.68 23.99 12.05
CA THR A 313 0.38 23.76 13.01
C THR A 313 0.62 22.27 13.10
N VAL A 314 1.88 21.87 13.22
CA VAL A 314 2.26 20.49 13.43
C VAL A 314 2.93 20.38 14.79
N MET A 315 2.47 19.44 15.61
CA MET A 315 3.05 19.21 16.92
C MET A 315 4.00 18.03 16.83
N VAL A 316 5.28 18.29 17.11
CA VAL A 316 6.33 17.30 16.95
C VAL A 316 6.80 16.92 18.35
N ARG A 317 6.57 15.67 18.75
CA ARG A 317 7.07 15.18 20.02
C ARG A 317 8.59 15.16 20.02
N SER A 318 9.18 14.48 19.04
CA SER A 318 10.63 14.34 18.97
CA SER A 318 10.63 14.32 18.97
C SER A 318 11.16 14.83 17.62
N ILE A 319 10.98 14.03 16.57
CA ILE A 319 11.53 14.34 15.26
C ILE A 319 10.50 14.07 14.17
N LEU A 320 10.77 14.63 12.99
CA LEU A 320 10.00 14.34 11.80
C LEU A 320 10.44 13.03 11.17
N LEU A 321 9.46 12.27 10.70
CA LEU A 321 9.70 11.11 9.83
C LEU A 321 10.71 10.17 10.48
N ARG A 322 10.35 9.67 11.65
CA ARG A 322 11.16 8.65 12.31
C ARG A 322 11.33 7.46 11.38
N GLY A 323 12.58 7.01 11.22
CA GLY A 323 12.89 5.92 10.33
C GLY A 323 13.22 6.31 8.90
N PHE A 324 13.03 7.57 8.53
CA PHE A 324 13.46 8.07 7.23
C PHE A 324 14.82 8.72 7.37
N ASP A 325 15.52 8.84 6.24
CA ASP A 325 16.72 9.65 6.20
C ASP A 325 16.45 11.01 6.83
N GLN A 326 17.14 11.29 7.94
CA GLN A 326 16.78 12.45 8.73
C GLN A 326 17.23 13.75 8.11
N GLN A 327 18.30 13.72 7.30
CA GLN A 327 18.66 14.92 6.55
C GLN A 327 17.54 15.31 5.61
N MET A 328 16.98 14.34 4.89
CA MET A 328 15.84 14.63 4.02
C MET A 328 14.66 15.13 4.84
N ALA A 329 14.37 14.49 5.98
CA ALA A 329 13.23 14.89 6.78
C ALA A 329 13.35 16.35 7.22
N GLU A 330 14.55 16.76 7.63
CA GLU A 330 14.75 18.16 7.99
C GLU A 330 14.53 19.04 6.77
N LYS A 331 15.07 18.65 5.62
CA LYS A 331 14.81 19.41 4.41
C LYS A 331 13.32 19.45 4.10
N VAL A 332 12.62 18.33 4.29
CA VAL A 332 11.17 18.31 4.08
C VAL A 332 10.51 19.32 5.02
N GLY A 333 10.84 19.24 6.31
CA GLY A 333 10.21 20.13 7.28
C GLY A 333 10.55 21.59 7.03
N ASP A 334 11.82 21.86 6.70
CA ASP A 334 12.24 23.24 6.46
C ASP A 334 11.43 23.86 5.33
N TYR A 335 11.13 23.07 4.29
CA TYR A 335 10.34 23.60 3.20
C TYR A 335 8.92 23.92 3.66
N MET A 336 8.34 23.05 4.49
CA MET A 336 6.99 23.30 5.00
C MET A 336 6.97 24.49 5.94
N GLU A 337 7.93 24.55 6.86
CA GLU A 337 8.05 25.71 7.73
C GLU A 337 8.15 27.00 6.93
N ASN A 338 8.94 26.99 5.85
CA ASN A 338 9.14 28.18 5.02
C ASN A 338 7.96 28.46 4.09
N HIS A 339 6.93 27.61 4.07
CA HIS A 339 5.77 27.83 3.22
C HIS A 339 4.46 27.76 4.00
N GLY A 340 4.47 28.23 5.24
CA GLY A 340 3.23 28.34 6.00
C GLY A 340 3.18 27.49 7.24
N VAL A 341 3.34 26.17 7.08
CA VAL A 341 3.15 25.26 8.20
C VAL A 341 4.01 25.69 9.37
N LYS A 342 3.38 25.87 10.52
CA LYS A 342 4.10 26.12 11.75
C LYS A 342 4.36 24.79 12.44
N PHE A 343 5.53 24.68 13.06
CA PHE A 343 5.92 23.49 13.80
C PHE A 343 6.06 23.85 15.26
N ALA A 344 5.35 23.10 16.12
CA ALA A 344 5.46 23.23 17.57
C ALA A 344 6.40 22.11 17.99
N LYS A 345 7.70 22.40 17.95
CA LYS A 345 8.70 21.37 18.14
C LYS A 345 8.77 20.95 19.61
N LEU A 346 9.08 19.67 19.82
CA LEU A 346 9.27 19.11 21.15
C LEU A 346 8.08 19.50 22.02
N CYS A 347 6.94 18.85 21.78
CA CYS A 347 5.68 19.29 22.37
C CYS A 347 4.71 18.13 22.35
N VAL A 348 4.04 17.89 23.48
CA VAL A 348 3.13 16.76 23.61
C VAL A 348 1.81 17.29 24.15
N PRO A 349 0.67 16.88 23.62
CA PRO A 349 -0.61 17.38 24.13
C PRO A 349 -0.98 16.72 25.46
N ASP A 350 -1.86 17.40 26.19
CA ASP A 350 -2.33 16.91 27.48
C ASP A 350 -3.84 16.78 27.57
N GLU A 351 -4.60 17.64 26.89
CA GLU A 351 -6.05 17.48 26.82
C GLU A 351 -6.58 18.35 25.69
N ILE A 352 -7.79 18.00 25.24
CA ILE A 352 -8.50 18.73 24.20
C ILE A 352 -9.85 19.12 24.77
N LYS A 353 -10.04 20.41 25.05
CA LYS A 353 -11.31 20.91 25.53
C LYS A 353 -12.12 21.43 24.36
N GLN A 354 -13.41 21.12 24.35
CA GLN A 354 -14.31 21.61 23.32
C GLN A 354 -14.78 23.01 23.66
N LEU A 355 -14.72 23.92 22.69
CA LEU A 355 -15.27 25.26 22.82
C LEU A 355 -16.49 25.49 21.96
N LYS A 356 -16.57 24.84 20.80
CA LYS A 356 -17.73 24.90 19.92
C LYS A 356 -17.98 23.52 19.34
N VAL A 357 -19.25 23.19 19.18
CA VAL A 357 -19.64 21.95 18.52
C VAL A 357 -19.56 22.14 17.01
N VAL A 358 -19.30 21.05 16.29
CA VAL A 358 -19.28 21.10 14.83
C VAL A 358 -20.64 21.59 14.34
N ASP A 359 -20.66 22.76 13.71
CA ASP A 359 -21.88 23.30 13.12
C ASP A 359 -22.27 22.46 11.92
N THR A 360 -23.23 21.56 12.12
CA THR A 360 -23.73 20.75 11.00
C THR A 360 -24.61 21.57 10.07
N GLU A 361 -25.15 22.69 10.53
CA GLU A 361 -26.00 23.55 9.71
C GLU A 361 -25.22 24.15 8.55
N ASN A 362 -24.28 25.05 8.86
CA ASN A 362 -23.52 25.79 7.87
C ASN A 362 -22.26 25.07 7.42
N ASN A 363 -22.12 23.79 7.74
CA ASN A 363 -20.86 23.07 7.53
C ASN A 363 -19.69 23.95 7.94
N LYS A 364 -19.50 24.11 9.24
CA LYS A 364 -18.36 24.85 9.74
C LYS A 364 -17.75 24.08 10.90
N PRO A 365 -16.44 24.16 11.07
CA PRO A 365 -15.78 23.39 12.12
C PRO A 365 -16.15 23.93 13.49
N GLY A 366 -16.05 23.06 14.48
CA GLY A 366 -16.19 23.50 15.85
C GLY A 366 -15.04 24.39 16.24
N LEU A 367 -14.68 24.34 17.53
CA LEU A 367 -13.57 25.10 18.05
C LEU A 367 -13.05 24.36 19.27
N LEU A 368 -11.73 24.28 19.40
CA LEU A 368 -11.11 23.43 20.40
C LEU A 368 -10.00 24.18 21.11
N LEU A 369 -9.81 23.88 22.39
CA LEU A 369 -8.67 24.33 23.15
C LEU A 369 -7.74 23.14 23.34
N VAL A 370 -6.50 23.28 22.92
CA VAL A 370 -5.47 22.26 23.08
C VAL A 370 -4.56 22.72 24.21
N LYS A 371 -4.49 21.92 25.28
CA LYS A 371 -3.57 22.16 26.38
C LYS A 371 -2.41 21.17 26.27
N GLY A 372 -1.20 21.70 26.13
CA GLY A 372 -0.02 20.87 26.08
C GLY A 372 1.12 21.48 26.86
N HIS A 373 2.32 20.96 26.66
CA HIS A 373 3.50 21.55 27.27
C HIS A 373 4.69 21.31 26.36
N TYR A 374 5.44 22.36 26.06
CA TYR A 374 6.73 22.18 25.45
C TYR A 374 7.67 21.48 26.43
N THR A 375 8.73 20.88 25.88
CA THR A 375 9.67 20.16 26.74
C THR A 375 10.49 21.09 27.62
N ASP A 376 10.63 22.36 27.25
CA ASP A 376 11.37 23.30 28.07
C ASP A 376 10.54 23.88 29.20
N GLY A 377 9.34 23.33 29.44
CA GLY A 377 8.50 23.72 30.55
C GLY A 377 7.34 24.63 30.17
N LYS A 378 7.51 25.44 29.13
CA LYS A 378 6.43 26.32 28.70
C LYS A 378 5.16 25.53 28.49
N LYS A 379 4.03 26.15 28.80
CA LYS A 379 2.72 25.54 28.58
C LYS A 379 2.23 25.89 27.19
N PHE A 380 1.82 24.87 26.44
CA PHE A 380 1.14 25.05 25.18
C PHE A 380 -0.35 25.17 25.47
N GLU A 381 -0.94 26.30 25.09
CA GLU A 381 -2.38 26.50 25.20
C GLU A 381 -2.81 27.33 24.00
N GLU A 382 -3.48 26.70 23.05
CA GLU A 382 -3.88 27.37 21.83
C GLU A 382 -5.23 26.84 21.37
N GLU A 383 -5.95 27.68 20.63
CA GLU A 383 -7.24 27.33 20.08
C GLU A 383 -7.09 26.87 18.64
N PHE A 384 -7.74 25.76 18.29
CA PHE A 384 -7.78 25.25 16.94
C PHE A 384 -9.20 24.84 16.58
N GLU A 385 -9.57 25.05 15.32
CA GLU A 385 -10.88 24.62 14.87
C GLU A 385 -10.94 23.12 14.66
N THR A 386 -9.84 22.52 14.23
CA THR A 386 -9.75 21.08 14.00
C THR A 386 -8.42 20.58 14.53
N VAL A 387 -8.47 19.44 15.22
CA VAL A 387 -7.27 18.75 15.68
C VAL A 387 -7.23 17.39 15.01
N ILE A 388 -6.16 17.11 14.28
CA ILE A 388 -6.01 15.86 13.56
C ILE A 388 -4.90 15.06 14.23
N PHE A 389 -5.21 13.84 14.65
CA PHE A 389 -4.21 12.92 15.17
C PHE A 389 -3.67 12.10 14.02
N ALA A 390 -2.36 12.13 13.84
CA ALA A 390 -1.67 11.30 12.87
C ALA A 390 -0.41 10.80 13.57
N VAL A 391 -0.62 9.99 14.60
CA VAL A 391 0.45 9.53 15.46
C VAL A 391 0.76 8.05 15.26
N GLY A 392 0.21 7.44 14.22
CA GLY A 392 0.48 6.06 13.91
C GLY A 392 -0.78 5.31 13.57
N ARG A 393 -0.60 4.04 13.22
CA ARG A 393 -1.70 3.16 12.88
C ARG A 393 -1.43 1.79 13.47
N GLU A 394 -2.49 1.10 13.83
CA GLU A 394 -2.36 -0.15 14.53
C GLU A 394 -3.34 -1.19 13.98
N PRO A 395 -2.95 -2.46 13.92
CA PRO A 395 -3.88 -3.49 13.48
C PRO A 395 -4.97 -3.73 14.51
N GLN A 396 -6.03 -4.38 14.04
CA GLN A 396 -7.25 -4.55 14.83
C GLN A 396 -7.64 -6.03 14.87
N LEU A 397 -6.67 -6.90 15.14
CA LEU A 397 -6.86 -8.32 14.89
C LEU A 397 -7.56 -9.07 16.02
N SER A 398 -7.69 -8.49 17.21
CA SER A 398 -8.54 -9.15 18.20
C SER A 398 -9.98 -9.26 17.70
N LYS A 399 -10.40 -8.33 16.83
CA LYS A 399 -11.72 -8.37 16.19
C LYS A 399 -11.79 -9.36 15.04
N VAL A 400 -10.66 -9.92 14.61
CA VAL A 400 -10.58 -10.73 13.40
C VAL A 400 -10.22 -12.16 13.78
N LEU A 401 -9.48 -12.31 14.86
CA LEU A 401 -9.04 -13.61 15.34
C LEU A 401 -9.58 -13.85 16.75
N CYS A 402 -9.77 -15.13 17.06
CA CYS A 402 -9.69 -15.60 18.43
C CYS A 402 -8.33 -16.28 18.54
N GLU A 403 -7.53 -15.89 19.54
CA GLU A 403 -6.23 -16.52 19.68
C GLU A 403 -6.34 -18.04 19.77
N THR A 404 -7.53 -18.54 20.04
CA THR A 404 -7.92 -19.93 19.83
C THR A 404 -7.26 -20.52 18.59
N VAL A 405 -7.33 -19.79 17.47
CA VAL A 405 -7.00 -20.38 16.18
C VAL A 405 -5.52 -20.72 16.08
N GLY A 406 -4.66 -19.90 16.69
CA GLY A 406 -3.23 -20.12 16.66
C GLY A 406 -2.48 -19.30 15.64
N VAL A 407 -2.95 -18.11 15.29
CA VAL A 407 -2.20 -17.19 14.45
C VAL A 407 -1.31 -16.36 15.36
N LYS A 408 0.00 -16.59 15.28
CA LYS A 408 0.94 -15.87 16.12
C LYS A 408 1.02 -14.41 15.68
N LEU A 409 0.87 -13.50 16.63
CA LEU A 409 1.06 -12.07 16.40
C LEU A 409 2.32 -11.59 17.12
N ASP A 410 2.96 -10.58 16.54
CA ASP A 410 4.14 -9.98 17.18
C ASP A 410 3.68 -9.17 18.38
N LYS A 411 4.60 -8.41 18.98
CA LYS A 411 4.23 -7.56 20.10
C LYS A 411 3.32 -6.41 19.67
N ASN A 412 3.43 -5.97 18.41
CA ASN A 412 2.62 -4.89 17.87
C ASN A 412 1.28 -5.36 17.33
N GLY A 413 0.89 -6.61 17.55
CA GLY A 413 -0.37 -7.09 17.06
C GLY A 413 -0.39 -7.45 15.58
N ARG A 414 0.76 -7.47 14.92
CA ARG A 414 0.81 -7.84 13.51
C ARG A 414 1.11 -9.33 13.36
N VAL A 415 0.54 -9.93 12.33
CA VAL A 415 0.70 -11.36 12.09
C VAL A 415 2.16 -11.65 11.74
N VAL A 416 2.73 -12.65 12.39
CA VAL A 416 4.09 -13.11 12.08
C VAL A 416 3.98 -14.15 10.97
N CYS A 417 4.67 -13.89 9.86
CA CYS A 417 4.60 -14.72 8.68
C CYS A 417 5.99 -15.20 8.26
N THR A 418 6.00 -16.22 7.42
CA THR A 418 7.19 -16.65 6.73
C THR A 418 7.33 -15.83 5.46
N ASP A 419 8.43 -16.03 4.73
CA ASP A 419 8.66 -15.20 3.55
C ASP A 419 7.65 -15.44 2.44
N ASP A 420 6.73 -16.39 2.62
CA ASP A 420 5.63 -16.63 1.69
C ASP A 420 4.29 -16.22 2.28
N GLU A 421 4.30 -15.34 3.28
CA GLU A 421 3.10 -14.80 3.92
C GLU A 421 2.29 -15.85 4.68
N GLN A 422 2.82 -17.05 4.89
CA GLN A 422 2.09 -18.06 5.66
C GLN A 422 2.16 -17.75 7.15
N THR A 423 1.03 -17.92 7.83
CA THR A 423 0.97 -17.73 9.26
C THR A 423 1.35 -19.03 9.97
N THR A 424 1.33 -18.99 11.31
CA THR A 424 1.57 -20.20 12.07
C THR A 424 0.47 -21.24 11.88
N VAL A 425 -0.64 -20.86 11.27
CA VAL A 425 -1.66 -21.80 10.81
C VAL A 425 -1.50 -21.96 9.31
N SER A 426 -1.46 -23.21 8.84
CA SER A 426 -0.84 -23.50 7.56
C SER A 426 -1.68 -23.00 6.38
N ASN A 427 -3.00 -23.11 6.47
CA ASN A 427 -3.87 -22.66 5.39
C ASN A 427 -4.15 -21.16 5.44
N VAL A 428 -3.62 -20.46 6.44
CA VAL A 428 -3.96 -19.07 6.70
C VAL A 428 -2.74 -18.22 6.39
N TYR A 429 -2.96 -17.16 5.60
CA TYR A 429 -1.91 -16.25 5.20
C TYR A 429 -2.28 -14.82 5.58
N ALA A 430 -1.28 -13.96 5.65
CA ALA A 430 -1.49 -12.55 5.95
C ALA A 430 -0.70 -11.70 4.97
N ILE A 431 -1.37 -10.71 4.38
CA ILE A 431 -0.76 -9.79 3.43
C ILE A 431 -1.06 -8.38 3.89
N GLY A 432 -0.30 -7.43 3.36
CA GLY A 432 -0.60 -6.03 3.62
C GLY A 432 -0.08 -5.56 4.96
N ASP A 433 -0.72 -4.50 5.48
CA ASP A 433 -0.20 -3.80 6.65
C ASP A 433 -0.08 -4.69 7.87
N ILE A 434 -0.92 -5.74 7.97
CA ILE A 434 -0.87 -6.59 9.17
C ILE A 434 0.29 -7.57 9.16
N ASN A 435 0.97 -7.73 8.03
CA ASN A 435 2.08 -8.66 7.92
C ASN A 435 3.30 -8.03 8.58
N ALA A 436 3.72 -8.59 9.71
CA ALA A 436 4.76 -7.99 10.54
C ALA A 436 6.02 -7.68 9.74
N GLY A 437 6.55 -6.47 9.95
CA GLY A 437 7.84 -6.10 9.41
C GLY A 437 7.86 -5.77 7.94
N LYS A 438 6.73 -5.73 7.30
CA LYS A 438 6.71 -5.40 5.89
C LYS A 438 6.43 -3.91 5.70
N PRO A 439 6.91 -3.32 4.61
CA PRO A 439 6.56 -1.92 4.33
C PRO A 439 5.06 -1.80 4.09
N GLN A 440 4.46 -0.80 4.72
CA GLN A 440 2.99 -0.67 4.73
C GLN A 440 2.60 0.28 3.60
N LEU A 441 2.50 -0.31 2.40
CA LEU A 441 2.32 0.41 1.16
C LEU A 441 1.38 -0.37 0.26
N THR A 442 0.61 0.35 -0.54
CA THR A 442 -0.42 -0.30 -1.35
C THR A 442 0.16 -1.23 -2.39
N PRO A 443 1.15 -0.85 -3.19
CA PRO A 443 1.66 -1.78 -4.21
C PRO A 443 2.34 -3.00 -3.60
N VAL A 444 2.90 -2.86 -2.40
CA VAL A 444 3.43 -4.01 -1.68
C VAL A 444 2.31 -5.00 -1.36
N ALA A 445 1.21 -4.50 -0.81
CA ALA A 445 0.07 -5.36 -0.50
C ALA A 445 -0.49 -5.99 -1.77
N ILE A 446 -0.57 -5.22 -2.86
CA ILE A 446 -1.06 -5.76 -4.12
C ILE A 446 -0.16 -6.89 -4.62
N GLN A 447 1.15 -6.64 -4.63
CA GLN A 447 2.08 -7.65 -5.13
C GLN A 447 2.04 -8.90 -4.26
N ALA A 448 2.19 -8.73 -2.94
CA ALA A 448 2.06 -9.86 -2.03
C ALA A 448 0.78 -10.64 -2.31
N GLY A 449 -0.35 -9.93 -2.43
CA GLY A 449 -1.62 -10.60 -2.65
C GLY A 449 -1.64 -11.38 -3.96
N ARG A 450 -1.25 -10.74 -5.06
CA ARG A 450 -1.36 -11.39 -6.36
C ARG A 450 -0.35 -12.53 -6.48
N TYR A 451 0.87 -12.32 -5.98
CA TYR A 451 1.86 -13.37 -6.01
C TYR A 451 1.47 -14.55 -5.13
N LEU A 452 0.96 -14.26 -3.92
CA LEU A 452 0.44 -15.33 -3.07
C LEU A 452 -0.67 -16.09 -3.77
N ALA A 453 -1.63 -15.37 -4.34
CA ALA A 453 -2.72 -16.05 -5.05
C ALA A 453 -2.18 -16.98 -6.11
N ARG A 454 -1.09 -16.59 -6.78
CA ARG A 454 -0.53 -17.41 -7.85
C ARG A 454 0.09 -18.68 -7.30
N ARG A 455 0.81 -18.57 -6.18
CA ARG A 455 1.43 -19.76 -5.60
C ARG A 455 0.37 -20.77 -5.15
N LEU A 456 -0.75 -20.29 -4.63
CA LEU A 456 -1.76 -21.20 -4.08
C LEU A 456 -2.48 -21.95 -5.19
N PHE A 457 -2.96 -21.22 -6.20
CA PHE A 457 -3.91 -21.77 -7.14
C PHE A 457 -3.35 -21.88 -8.55
N ALA A 458 -2.06 -21.59 -8.75
CA ALA A 458 -1.45 -21.71 -10.07
C ALA A 458 -0.03 -22.28 -10.02
N GLY A 459 0.43 -22.75 -8.86
CA GLY A 459 1.73 -23.40 -8.80
C GLY A 459 2.91 -22.48 -8.99
N ALA A 460 2.73 -21.17 -8.84
CA ALA A 460 3.86 -20.27 -8.92
C ALA A 460 4.79 -20.50 -7.73
N THR A 461 6.04 -20.05 -7.89
CA THR A 461 7.00 -20.06 -6.81
C THR A 461 7.53 -18.69 -6.46
N GLU A 462 7.31 -17.68 -7.31
CA GLU A 462 7.89 -16.36 -7.08
C GLU A 462 7.33 -15.75 -5.81
N LEU A 463 8.20 -15.50 -4.84
CA LEU A 463 7.85 -14.75 -3.66
C LEU A 463 7.89 -13.25 -3.93
N THR A 464 7.31 -12.48 -3.03
CA THR A 464 7.39 -11.04 -3.10
C THR A 464 8.70 -10.56 -2.49
N ASP A 465 9.33 -9.58 -3.13
CA ASP A 465 10.62 -9.06 -2.71
C ASP A 465 10.39 -7.73 -1.98
N TYR A 466 10.44 -7.79 -0.66
CA TYR A 466 10.19 -6.63 0.19
C TYR A 466 11.42 -5.76 0.36
N SER A 467 12.50 -6.01 -0.39
CA SER A 467 13.75 -5.29 -0.20
C SER A 467 13.83 -4.11 -1.14
N ASN A 468 14.40 -3.01 -0.64
CA ASN A 468 14.59 -1.79 -1.44
C ASN A 468 13.29 -1.35 -2.10
N VAL A 469 12.17 -1.44 -1.37
CA VAL A 469 10.91 -0.94 -1.90
C VAL A 469 10.95 0.57 -1.88
N ALA A 470 10.64 1.17 -3.03
CA ALA A 470 10.69 2.61 -3.19
C ALA A 470 9.42 3.25 -2.68
N THR A 471 9.54 4.54 -2.38
CA THR A 471 8.47 5.24 -1.69
C THR A 471 8.56 6.72 -2.02
N THR A 472 7.47 7.43 -1.73
CA THR A 472 7.43 8.87 -1.92
C THR A 472 6.53 9.47 -0.85
N VAL A 473 7.07 10.43 -0.11
CA VAL A 473 6.28 11.22 0.81
C VAL A 473 5.77 12.42 0.04
N PHE A 474 4.45 12.52 -0.08
CA PHE A 474 3.83 13.55 -0.90
C PHE A 474 3.57 14.81 -0.10
N THR A 475 4.60 15.27 0.60
CA THR A 475 4.60 16.58 1.24
C THR A 475 4.61 17.65 0.15
N PRO A 476 4.32 18.92 0.53
CA PRO A 476 4.30 19.98 -0.50
C PRO A 476 5.46 19.90 -1.46
N LEU A 477 6.67 19.74 -0.94
CA LEU A 477 7.82 19.33 -1.74
C LEU A 477 8.01 17.83 -1.53
N GLU A 478 7.71 17.05 -2.55
CA GLU A 478 7.73 15.60 -2.45
C GLU A 478 9.15 15.09 -2.18
N TYR A 479 9.22 13.94 -1.52
CA TYR A 479 10.48 13.30 -1.15
C TYR A 479 10.39 11.83 -1.52
N GLY A 480 11.14 11.44 -2.55
CA GLY A 480 11.19 10.07 -2.98
C GLY A 480 12.46 9.40 -2.48
N ALA A 481 12.36 8.12 -2.17
CA ALA A 481 13.50 7.38 -1.65
C ALA A 481 13.40 5.94 -2.11
N CYS A 482 14.57 5.32 -2.30
CA CYS A 482 14.67 3.89 -2.54
C CYS A 482 15.96 3.40 -1.91
N GLY A 483 15.83 2.53 -0.91
CA GLY A 483 16.99 1.97 -0.24
C GLY A 483 17.23 2.60 1.11
N LEU A 484 18.47 2.49 1.57
CA LEU A 484 18.81 2.87 2.92
C LEU A 484 18.94 4.38 3.06
N SER A 485 18.51 4.89 4.21
CA SER A 485 18.94 6.21 4.63
C SER A 485 20.46 6.25 4.77
N GLU A 486 21.01 7.46 4.69
CA GLU A 486 22.44 7.63 4.88
C GLU A 486 22.89 7.09 6.24
N GLU A 487 22.13 7.40 7.29
CA GLU A 487 22.53 6.96 8.63
C GLU A 487 22.47 5.44 8.77
N ASP A 488 21.50 4.79 8.10
CA ASP A 488 21.40 3.35 8.18
C ASP A 488 22.56 2.67 7.46
N ALA A 489 22.88 3.13 6.25
CA ALA A 489 24.02 2.59 5.52
C ALA A 489 25.31 2.78 6.31
N ILE A 490 25.52 3.98 6.84
CA ILE A 490 26.69 4.22 7.68
C ILE A 490 26.70 3.26 8.85
N GLU A 491 25.55 3.09 9.50
CA GLU A 491 25.47 2.20 10.65
C GLU A 491 25.71 0.75 10.23
N LYS A 492 25.20 0.36 9.06
CA LYS A 492 25.29 -1.03 8.63
C LYS A 492 26.67 -1.41 8.14
N TYR A 493 27.44 -0.46 7.60
CA TYR A 493 28.75 -0.75 7.01
C TYR A 493 29.88 0.15 7.48
N GLY A 494 29.59 1.22 8.22
CA GLY A 494 30.65 2.11 8.67
C GLY A 494 30.86 3.31 7.77
N ASP A 495 31.00 4.47 8.39
CA ASP A 495 31.27 5.72 7.68
C ASP A 495 32.32 5.53 6.59
N LYS A 496 33.38 4.80 6.91
CA LYS A 496 34.50 4.71 5.98
C LYS A 496 34.14 3.93 4.72
N ASP A 497 33.15 3.04 4.80
CA ASP A 497 32.74 2.25 3.64
C ASP A 497 31.60 2.89 2.86
N ILE A 498 31.18 4.11 3.21
CA ILE A 498 30.01 4.75 2.60
C ILE A 498 30.45 6.05 1.96
N GLU A 499 30.21 6.18 0.66
CA GLU A 499 30.40 7.42 -0.07
C GLU A 499 29.02 7.96 -0.46
N VAL A 500 28.85 9.27 -0.34
CA VAL A 500 27.55 9.90 -0.57
C VAL A 500 27.75 10.98 -1.62
N TYR A 501 27.20 10.75 -2.81
CA TYR A 501 27.18 11.78 -3.84
C TYR A 501 25.88 12.54 -3.73
N HIS A 502 25.96 13.85 -3.83
CA HIS A 502 24.77 14.68 -3.68
C HIS A 502 24.89 15.92 -4.55
N SER A 503 23.74 16.54 -4.81
CA SER A 503 23.70 17.81 -5.51
C SER A 503 22.36 18.47 -5.24
N ASN A 504 22.39 19.76 -4.94
CA ASN A 504 21.18 20.55 -5.06
C ASN A 504 20.78 20.62 -6.52
N PHE A 505 19.55 21.07 -6.76
CA PHE A 505 19.10 21.33 -8.12
C PHE A 505 17.89 22.25 -8.06
N LYS A 506 17.55 22.81 -9.22
CA LYS A 506 16.43 23.72 -9.34
C LYS A 506 15.62 23.31 -10.56
N PRO A 507 14.38 22.87 -10.41
CA PRO A 507 13.53 22.63 -11.57
C PRO A 507 13.61 23.83 -12.51
N LEU A 508 13.74 23.56 -13.81
CA LEU A 508 13.67 24.64 -14.79
C LEU A 508 12.41 25.46 -14.62
N GLU A 509 11.32 24.82 -14.19
CA GLU A 509 10.04 25.50 -14.00
C GLU A 509 10.09 26.52 -12.88
N TRP A 510 11.01 26.35 -11.92
CA TRP A 510 11.17 27.26 -10.80
C TRP A 510 11.97 28.50 -11.15
N THR A 511 12.54 28.59 -12.34
CA THR A 511 13.36 29.74 -12.70
C THR A 511 12.49 30.94 -13.02
N VAL A 512 11.65 30.82 -14.05
CA VAL A 512 10.72 31.89 -14.38
C VAL A 512 9.75 32.12 -13.24
N ALA A 513 9.41 31.06 -12.51
CA ALA A 513 8.52 31.20 -11.36
C ALA A 513 9.20 31.87 -10.16
N HIS A 514 10.52 32.01 -10.18
CA HIS A 514 11.26 32.67 -9.10
C HIS A 514 11.08 31.96 -7.77
N ARG A 515 11.09 30.63 -7.80
CA ARG A 515 11.14 29.83 -6.60
C ARG A 515 12.62 29.62 -6.22
N GLU A 516 12.87 28.79 -5.21
CA GLU A 516 14.15 28.82 -4.50
C GLU A 516 15.27 28.12 -5.26
N ASP A 517 16.46 28.71 -5.19
CA ASP A 517 17.69 27.99 -5.50
C ASP A 517 18.05 27.06 -4.35
N ASN A 518 18.70 25.96 -4.69
CA ASN A 518 19.38 25.11 -3.71
C ASN A 518 18.43 24.64 -2.61
N VAL A 519 17.18 24.38 -2.95
CA VAL A 519 16.23 23.78 -2.01
C VAL A 519 16.07 22.32 -2.40
N CYS A 520 15.68 22.09 -3.65
CA CYS A 520 15.62 20.72 -4.14
C CYS A 520 17.01 20.09 -4.06
N TYR A 521 17.04 18.77 -3.90
CA TYR A 521 18.27 18.13 -3.48
C TYR A 521 18.13 16.63 -3.70
N MET A 522 19.24 15.99 -4.03
CA MET A 522 19.23 14.56 -4.24
C MET A 522 20.60 14.00 -3.87
N LYS A 523 20.61 12.73 -3.50
CA LYS A 523 21.86 12.09 -3.11
C LYS A 523 21.78 10.59 -3.36
N LEU A 524 22.92 10.03 -3.75
CA LEU A 524 23.12 8.59 -3.83
C LEU A 524 24.01 8.17 -2.67
N VAL A 525 23.57 7.17 -1.92
CA VAL A 525 24.32 6.63 -0.80
C VAL A 525 24.94 5.32 -1.29
N CYS A 526 26.28 5.29 -1.38
CA CYS A 526 26.98 4.21 -2.05
C CYS A 526 27.97 3.53 -1.11
N ARG A 527 28.28 2.28 -1.43
CA ARG A 527 29.22 1.46 -0.66
C ARG A 527 30.53 1.34 -1.43
N LYS A 528 31.60 1.89 -0.86
CA LYS A 528 32.88 1.91 -1.55
C LYS A 528 33.38 0.49 -1.82
N SER A 529 33.29 -0.38 -0.83
CA SER A 529 33.86 -1.72 -0.93
C SER A 529 33.00 -2.68 -1.72
N ASP A 530 31.93 -2.22 -2.36
CA ASP A 530 31.10 -3.06 -3.21
C ASP A 530 30.90 -2.41 -4.57
N ASN A 531 31.98 -1.88 -5.14
CA ASN A 531 31.94 -1.27 -6.47
C ASN A 531 31.05 -0.04 -6.49
N MET A 532 30.97 0.67 -5.37
CA MET A 532 30.16 1.87 -5.26
C MET A 532 28.69 1.57 -5.56
N ARG A 533 28.24 0.40 -5.08
CA ARG A 533 26.84 0.02 -5.15
C ARG A 533 25.98 1.13 -4.56
N VAL A 534 24.88 1.45 -5.25
CA VAL A 534 23.94 2.45 -4.75
C VAL A 534 23.08 1.76 -3.69
N LEU A 535 23.27 2.13 -2.43
CA LEU A 535 22.53 1.55 -1.32
C LEU A 535 21.22 2.27 -1.07
N GLY A 536 21.21 3.59 -1.24
CA GLY A 536 19.99 4.36 -1.09
C GLY A 536 19.99 5.52 -2.05
N LEU A 537 18.80 5.85 -2.54
CA LEU A 537 18.58 6.98 -3.42
C LEU A 537 17.55 7.88 -2.76
N HIS A 538 17.79 9.20 -2.82
CA HIS A 538 16.97 10.18 -2.11
C HIS A 538 16.84 11.41 -2.97
N VAL A 539 15.60 11.84 -3.25
CA VAL A 539 15.35 13.04 -4.02
C VAL A 539 14.25 13.85 -3.34
N LEU A 540 14.54 15.11 -3.08
CA LEU A 540 13.55 16.09 -2.64
C LEU A 540 13.33 17.03 -3.81
N GLY A 541 12.14 16.96 -4.40
CA GLY A 541 11.80 17.80 -5.51
C GLY A 541 10.45 17.47 -6.07
N PRO A 542 9.98 18.26 -7.02
CA PRO A 542 8.66 18.01 -7.61
C PRO A 542 8.61 16.65 -8.30
N ASN A 543 7.43 16.03 -8.25
CA ASN A 543 7.20 14.76 -8.93
C ASN A 543 8.22 13.71 -8.51
N ALA A 544 8.64 13.75 -7.25
CA ALA A 544 9.63 12.80 -6.75
C ALA A 544 9.16 11.36 -6.94
N GLY A 545 7.85 11.13 -6.94
CA GLY A 545 7.37 9.79 -7.24
C GLY A 545 7.82 9.32 -8.62
N GLU A 546 7.56 10.14 -9.64
CA GLU A 546 7.92 9.76 -10.99
C GLU A 546 9.43 9.63 -11.13
N ILE A 547 10.18 10.55 -10.52
CA ILE A 547 11.63 10.50 -10.58
C ILE A 547 12.13 9.16 -10.03
N THR A 548 11.65 8.77 -8.87
CA THR A 548 12.27 7.68 -8.13
C THR A 548 11.94 6.33 -8.75
N GLN A 549 10.70 6.14 -9.18
CA GLN A 549 10.23 4.81 -9.57
C GLN A 549 11.25 4.04 -10.41
N GLY A 550 11.61 4.59 -11.57
CA GLY A 550 12.45 3.86 -12.50
C GLY A 550 13.77 3.44 -11.88
N TYR A 551 14.38 4.32 -11.08
CA TYR A 551 15.62 3.95 -10.42
C TYR A 551 15.46 2.75 -9.50
N ALA A 552 14.25 2.54 -8.95
CA ALA A 552 14.03 1.36 -8.12
C ALA A 552 14.26 0.08 -8.89
N VAL A 553 14.06 0.10 -10.21
CA VAL A 553 14.37 -1.08 -11.01
C VAL A 553 15.87 -1.30 -11.07
N ALA A 554 16.62 -0.22 -11.31
CA ALA A 554 18.07 -0.34 -11.40
C ALA A 554 18.66 -0.79 -10.06
N ILE A 555 18.13 -0.26 -8.96
CA ILE A 555 18.67 -0.61 -7.66
C ILE A 555 18.39 -2.07 -7.35
N LYS A 556 17.18 -2.54 -7.65
CA LYS A 556 16.89 -3.96 -7.47
C LYS A 556 17.86 -4.82 -8.27
N MET A 557 18.39 -4.29 -9.36
CA MET A 557 19.33 -5.02 -10.21
C MET A 557 20.77 -4.89 -9.74
N GLY A 558 21.03 -4.14 -8.67
CA GLY A 558 22.38 -3.98 -8.17
C GLY A 558 23.13 -2.83 -8.82
N ALA A 559 22.42 -1.74 -9.10
CA ALA A 559 23.05 -0.61 -9.78
C ALA A 559 24.15 0.00 -8.93
N THR A 560 25.22 0.41 -9.59
CA THR A 560 26.34 1.10 -8.98
C THR A 560 26.31 2.56 -9.39
N LYS A 561 27.19 3.35 -8.75
CA LYS A 561 27.36 4.73 -9.18
C LYS A 561 27.75 4.80 -10.65
N ALA A 562 28.58 3.86 -11.11
CA ALA A 562 29.00 3.85 -12.51
C ALA A 562 27.84 3.58 -13.45
N ASP A 563 26.90 2.73 -13.04
CA ASP A 563 25.70 2.52 -13.86
C ASP A 563 24.91 3.81 -14.03
N PHE A 564 24.88 4.68 -13.02
CA PHE A 564 24.22 5.97 -13.17
C PHE A 564 25.01 6.88 -14.09
N ASP A 565 26.33 6.88 -13.95
CA ASP A 565 27.16 7.86 -14.66
C ASP A 565 27.16 7.60 -16.16
N ARG A 566 27.10 6.34 -16.57
CA ARG A 566 27.15 6.03 -17.99
C ARG A 566 25.78 6.05 -18.64
N THR A 567 24.73 6.24 -17.86
CA THR A 567 23.44 6.59 -18.42
C THR A 567 23.47 8.08 -18.77
N ILE A 568 22.83 8.41 -19.89
CA ILE A 568 22.76 9.79 -20.36
C ILE A 568 21.47 10.39 -19.85
N GLY A 569 21.54 11.64 -19.42
CA GLY A 569 20.36 12.31 -18.93
C GLY A 569 19.36 12.60 -20.04
N ILE A 570 18.09 12.72 -19.64
CA ILE A 570 17.07 13.37 -20.44
C ILE A 570 17.02 14.83 -20.00
N HIS A 571 17.12 15.74 -20.96
CA HIS A 571 17.18 17.15 -20.64
C HIS A 571 16.02 17.88 -21.32
N PRO A 572 15.34 18.82 -20.63
CA PRO A 572 15.48 19.20 -19.22
C PRO A 572 14.52 18.46 -18.30
N THR A 573 15.08 17.83 -17.27
CA THR A 573 14.30 17.16 -16.24
C THR A 573 15.02 17.32 -14.92
N CYS A 574 14.29 17.16 -13.83
CA CYS A 574 14.92 17.01 -12.54
C CYS A 574 15.71 15.70 -12.48
N SER A 575 15.11 14.61 -12.94
CA SER A 575 15.68 13.28 -12.74
C SER A 575 17.08 13.17 -13.32
N GLU A 576 17.38 13.93 -14.38
CA GLU A 576 18.67 13.78 -15.05
C GLU A 576 19.84 14.13 -14.14
N THR A 577 19.58 14.83 -13.04
CA THR A 577 20.67 15.20 -12.14
C THR A 577 21.34 13.99 -11.50
N PHE A 578 20.66 12.83 -11.50
CA PHE A 578 21.26 11.61 -10.98
C PHE A 578 22.33 11.03 -11.90
N THR A 579 22.29 11.33 -13.21
CA THR A 579 23.28 10.83 -14.16
C THR A 579 24.57 11.63 -14.17
N THR A 580 24.66 12.71 -13.39
CA THR A 580 25.86 13.57 -13.41
C THR A 580 26.34 13.91 -12.01
N LEU A 581 26.01 13.11 -11.00
CA LEU A 581 26.41 13.43 -9.64
C LEU A 581 27.91 13.22 -9.46
N HIS A 582 28.57 14.24 -8.93
CA HIS A 582 30.02 14.20 -8.76
C HIS A 582 30.51 14.72 -7.41
N VAL A 583 29.77 15.60 -6.73
CA VAL A 583 30.22 16.12 -5.44
C VAL A 583 29.91 15.09 -4.37
N THR A 584 30.93 14.75 -3.57
CA THR A 584 30.75 13.84 -2.45
C THR A 584 30.65 14.63 -1.16
N LYS A 585 30.25 13.91 -0.11
CA LYS A 585 30.16 14.54 1.21
C LYS A 585 31.52 14.55 1.90
N LYS A 586 32.26 13.44 1.83
CA LYS A 586 33.58 13.38 2.43
C LYS A 586 34.49 14.52 1.95
N SER A 587 34.20 15.11 0.80
CA SER A 587 35.04 16.18 0.24
C SER A 587 34.69 17.55 0.79
N GLY A 588 33.51 17.71 1.38
CA GLY A 588 33.09 19.01 1.90
C GLY A 588 32.71 20.02 0.85
N VAL A 589 32.85 19.71 -0.44
CA VAL A 589 32.47 20.64 -1.49
C VAL A 589 30.96 20.89 -1.44
N SER A 590 30.56 22.10 -1.83
CA SER A 590 29.17 22.53 -1.69
C SER A 590 28.30 21.87 -2.75
N PRO A 591 27.13 21.33 -2.39
CA PRO A 591 26.23 20.76 -3.40
C PRO A 591 25.43 21.77 -4.20
N ILE A 592 25.63 23.07 -3.96
CA ILE A 592 24.88 24.10 -4.68
C ILE A 592 25.18 24.04 -6.18
PA FAD B . -6.49 -1.95 3.89
O1A FAD B . -6.66 -1.01 5.08
O2A FAD B . -6.34 -1.18 2.62
O5B FAD B . -7.82 -3.01 3.70
C5B FAD B . -8.27 -3.65 4.88
C4B FAD B . -9.85 -3.82 4.72
O4B FAD B . -10.28 -4.78 5.48
C3B FAD B . -10.49 -2.54 5.19
O3B FAD B . -11.61 -2.26 4.43
C2B FAD B . -10.88 -2.89 6.64
O2B FAD B . -11.96 -1.95 7.15
C1B FAD B . -11.33 -4.09 6.49
N9A FAD B . -11.41 -4.90 7.72
C8A FAD B . -10.75 -4.79 8.91
N7A FAD B . -11.17 -5.79 9.70
C5A FAD B . -12.08 -6.52 9.01
C6A FAD B . -12.82 -7.63 9.32
N6A FAD B . -12.93 -8.46 10.52
N1A FAD B . -13.67 -8.14 8.44
C2A FAD B . -13.79 -7.57 7.20
N3A FAD B . -13.06 -6.48 6.90
C4A FAD B . -12.22 -5.97 7.79
N1 FAD B . 0.54 3.56 0.56
C2 FAD B . 1.29 3.82 -0.68
O2 FAD B . 1.87 2.93 -1.24
N3 FAD B . 1.33 5.21 -1.23
C4 FAD B . 0.64 6.28 -0.55
O4 FAD B . 0.66 7.40 -0.98
C4X FAD B . -0.10 5.99 0.71
N5 FAD B . -0.79 7.05 1.38
C5X FAD B . -1.54 6.76 2.65
C6 FAD B . -2.21 7.80 3.30
C7 FAD B . -2.91 7.54 4.48
C7M FAD B . -3.54 8.81 5.01
C8 FAD B . -2.94 6.22 5.01
C8M FAD B . -3.75 5.89 6.36
C9 FAD B . -2.29 5.19 4.35
C9A FAD B . -1.57 5.45 3.17
N10 FAD B . -0.86 4.36 2.47
C10 FAD B . -0.14 4.64 1.25
C1' FAD B . -0.86 2.98 2.97
C2' FAD B . -1.91 2.13 2.21
O2' FAD B . -3.18 2.70 2.35
C3' FAD B . -1.87 0.76 2.84
O3' FAD B . -0.56 0.24 2.75
C4' FAD B . -2.82 -0.16 2.11
O4' FAD B . -4.14 0.32 2.21
C5' FAD B . -2.74 -1.54 2.74
O5' FAD B . -3.68 -2.45 2.07
P FAD B . -4.26 -3.64 3.04
O1P FAD B . -5.10 -4.58 2.28
O2P FAD B . -3.14 -4.30 3.70
O3P FAD B . -5.17 -2.88 4.21
H51A FAD B . -7.85 -4.52 4.99
H52A FAD B . -8.08 -3.10 5.66
H4B FAD B . -10.08 -4.00 3.79
H3B FAD B . -9.86 -1.82 5.18
HO3A FAD B . -11.49 -1.53 4.01
H2B FAD B . -10.10 -2.89 7.22
HO2A FAD B . -11.61 -1.33 7.61
H1B FAD B . -12.20 -4.04 6.07
H8A FAD B . -10.12 -4.14 9.12
H61A FAD B . -12.44 -9.16 10.60
H62A FAD B . -13.46 -8.25 11.15
H2A FAD B . -14.37 -7.93 6.59
HN3 FAD B . 1.76 5.37 -1.95
H6 FAD B . -2.11 8.61 2.86
HM71 FAD B . -4.46 8.88 4.68
HM72 FAD B . -3.55 8.79 5.98
HM73 FAD B . -3.04 9.58 4.70
HM81 FAD B . -3.12 5.74 7.08
HM82 FAD B . -4.29 5.10 6.23
HM83 FAD B . -4.32 6.64 6.59
H9 FAD B . -2.45 4.45 4.88
H1'1 FAD B . 0.02 2.60 2.86
H1'2 FAD B . -1.09 2.98 3.91
H2' FAD B . -1.67 2.07 1.28
HO2' FAD B . -3.45 2.97 1.59
H3' FAD B . -2.13 0.82 3.78
HO3' FAD B . -0.27 0.04 3.52
H4' FAD B . -2.56 -0.23 1.17
HO4' FAD B . -4.51 0.31 1.44
H5'1 FAD B . -2.96 -1.48 3.68
H5'2 FAD B . -1.83 -1.89 2.65
C1 PGE C . 21.14 -1.82 10.54
O1 PGE C . 21.22 -2.10 11.91
C2 PGE C . 20.61 -0.40 10.33
O2 PGE C . 19.22 -0.44 10.23
C3 PGE C . 18.76 -0.55 8.91
C4 PGE C . 17.25 -0.77 8.91
O4 PGE C . 18.22 -3.90 5.92
C6 PGE C . 17.08 -3.11 6.13
C5 PGE C . 17.03 -2.70 7.59
O3 PGE C . 16.86 -1.32 7.67
H1 PGE C . 20.54 -2.46 10.13
H12 PGE C . 22.02 -1.90 10.14
HO1 PGE C . 21.68 -2.80 12.03
H2 PGE C . 20.89 0.18 11.06
H22 PGE C . 20.97 -0.06 9.49
H3 PGE C . 19.19 -1.30 8.47
H32 PGE C . 18.97 0.26 8.43
H4 PGE C . 17.00 -1.37 9.62
H42 PGE C . 16.80 0.09 9.02
HO4 PGE C . 18.25 -4.15 5.11
H6 PGE C . 17.13 -2.32 5.57
H62 PGE C . 16.28 -3.62 5.90
H5 PGE C . 16.30 -3.16 8.04
H52 PGE C . 17.87 -2.94 8.01
C1 PGE D . 6.87 -21.27 -12.85
O1 PGE D . 5.67 -20.88 -13.44
C2 PGE D . 6.62 -22.50 -11.99
O2 PGE D . 7.85 -23.14 -11.71
C3 PGE D . 7.69 -24.42 -11.16
C4 PGE D . 9.07 -25.04 -10.93
O4 PGE D . 12.02 -26.09 -7.83
C6 PGE D . 10.71 -25.69 -8.13
C5 PGE D . 10.28 -26.36 -9.43
O3 PGE D . 9.03 -25.89 -9.82
H1 PGE D . 7.52 -21.48 -13.54
H12 PGE D . 7.21 -20.54 -12.29
HO1 PGE D . 5.81 -20.25 -13.99
H2 PGE D . 6.04 -23.12 -12.46
H22 PGE D . 6.21 -22.24 -11.15
H3 PGE D . 7.24 -24.34 -10.30
H32 PGE D . 7.18 -24.99 -11.76
H4 PGE D . 9.72 -24.33 -10.75
H42 PGE D . 9.35 -25.53 -11.72
HO4 PGE D . 12.27 -25.72 -7.12
H6 PGE D . 10.68 -24.72 -8.23
H62 PGE D . 10.11 -25.96 -7.41
H5 PGE D . 10.24 -27.32 -9.29
H52 PGE D . 10.93 -26.17 -10.13
C1 E1T E . 5.22 4.91 3.93
C2 E1T E . 6.59 4.81 4.08
C3 E1T E . 4.38 3.93 4.45
C4 E1T E . 6.33 2.79 5.25
C5 E1T E . 4.67 6.00 3.26
C6 E1T E . 4.95 2.86 5.12
C7 E1T E . 5.53 6.96 2.74
C8 E1T E . 6.91 6.82 2.93
C9 E1T E . 6.93 1.63 5.97
N1 E1T E . 7.13 3.76 4.73
N2 E1T E . 7.41 5.76 3.57
O1 E1T E . 8.25 1.56 6.10
O2 E1T E . 6.22 0.76 6.44
NA NA F . -4.36 -0.37 6.32
O1 250 G . 15.88 -1.59 3.62
S1 250 G . 14.53 -2.18 3.29
O2 250 G . 14.90 -3.06 2.10
O3 250 G . 13.99 -3.01 4.43
C1 250 G . 13.33 -0.90 2.81
C2 250 G . 11.96 -1.49 2.47
O4 250 G . 12.07 -2.30 1.33
C3 250 G . 10.94 -0.37 2.20
N1 250 G . 11.06 0.68 3.19
C7 250 G . 10.28 1.85 2.83
C6 250 G . 10.52 3.00 3.81
N2 250 G . 10.43 2.60 5.21
C5 250 G . 11.07 1.34 5.56
C4 250 G . 10.79 0.24 4.54
C8 250 G . 10.74 3.61 6.22
C9 250 G . 11.30 4.92 5.66
O5 250 G . 12.54 4.70 5.04
H11 250 G . 13.23 -0.28 3.56
H12 250 G . 13.67 -0.41 2.04
H2 250 G . 11.65 -2.03 3.21
HO4 250 G . 11.54 -2.96 1.39
H31 250 G . 10.04 -0.73 2.23
H32 250 G . 11.10 0.01 1.32
H71 250 G . 9.34 1.63 2.84
H72 250 G . 10.53 2.14 1.94
H61 250 G . 11.41 3.36 3.65
H62 250 G . 9.86 3.70 3.64
H51 250 G . 10.75 1.06 6.42
H52 250 G . 12.03 1.49 5.59
H41 250 G . 11.35 -0.52 4.74
H42 250 G . 9.85 -0.02 4.61
H81 250 G . 9.93 3.81 6.71
H82 250 G . 11.39 3.25 6.84
H91 250 G . 10.68 5.28 5.01
H92 250 G . 11.41 5.55 6.38
HO5 250 G . 12.96 5.44 4.99
#